data_5VGM
#
_entry.id   5VGM
#
_cell.length_a   62.507
_cell.length_b   57.257
_cell.length_c   87.524
_cell.angle_alpha   90.000
_cell.angle_beta   105.090
_cell.angle_gamma   90.000
#
_symmetry.space_group_name_H-M   'P 1 21 1'
#
loop_
_entity.id
_entity.type
_entity.pdbx_description
1 polymer Dihydroorotase
2 non-polymer 'ZINC ION'
3 non-polymer 'ACETATE ION'
4 non-polymer 'CHLORIDE ION'
5 water water
#
_entity_poly.entity_id   1
_entity_poly.type   'polypeptide(L)'
_entity_poly.pdbx_seq_one_letter_code
;SNAMTTLTITRPDDWHVHLRDGDVLADTVRDISRYNGRALIMPNTVPPVTTTEMALAYRERIMAAQPQAHFEPLMALYLT
DNTSPEEIRKAKASGKVVAA(KCX)LYPAGATTNSDSGVTSAKNIYPVLQAMQEVGMLLLVHGEVTTHEVDIFDREKTFL
DTVLAPIVNDFPQLKIVLEHITTADAVTFVQQAGDNVAATITAHHLLFNRNHMLVGGIRPHFYCLPILKRATHQHALVAA
ATSGSKKFFLGTDSAPHAKGRKEAA(CSX)G(CSX)AGSYTAHAALELYAEVFEKEGKLENLEAFASFNGPDFYGLPRNQ
ETVTLTKQAWPVAESMPFGSDIVVPIRAGENIEWTVK
;
_entity_poly.pdbx_strand_id   A,B
#
loop_
_chem_comp.id
_chem_comp.type
_chem_comp.name
_chem_comp.formula
ACT non-polymer 'ACETATE ION' 'C2 H3 O2 -1'
CL non-polymer 'CHLORIDE ION' 'Cl -1'
ZN non-polymer 'ZINC ION' 'Zn 2'
#
# COMPACT_ATOMS: atom_id res chain seq x y z
N ALA A 3 17.19 30.19 -11.68
CA ALA A 3 18.56 29.75 -12.12
C ALA A 3 19.67 30.54 -11.40
N MET A 4 20.30 29.91 -10.42
CA MET A 4 21.35 30.55 -9.61
C MET A 4 20.87 31.79 -8.83
N THR A 5 19.60 31.77 -8.44
CA THR A 5 19.04 32.81 -7.59
C THR A 5 19.30 32.39 -6.15
N THR A 6 19.38 33.40 -5.28
CA THR A 6 19.86 33.23 -3.93
C THR A 6 18.85 33.79 -2.95
N LEU A 7 18.72 33.13 -1.80
CA LEU A 7 17.84 33.59 -0.74
C LEU A 7 18.52 33.33 0.59
N THR A 8 18.70 34.37 1.40
CA THR A 8 19.27 34.22 2.73
C THR A 8 18.14 34.26 3.77
N ILE A 9 18.08 33.26 4.65
CA ILE A 9 17.12 33.24 5.75
C ILE A 9 17.82 32.87 7.05
N THR A 10 17.14 33.12 8.15
CA THR A 10 17.56 32.62 9.47
C THR A 10 17.82 31.10 9.42
N ARG A 11 18.90 30.67 10.08
CA ARG A 11 19.24 29.24 10.22
C ARG A 11 18.05 28.44 10.79
N PRO A 12 17.68 27.32 10.13
CA PRO A 12 16.51 26.56 10.56
C PRO A 12 16.81 25.51 11.64
N ASP A 13 15.77 24.75 12.01
CA ASP A 13 15.86 23.65 12.96
C ASP A 13 14.94 22.55 12.40
N ASP A 14 15.10 21.33 12.91
CA ASP A 14 14.23 20.21 12.53
C ASP A 14 13.55 19.66 13.78
N TRP A 15 12.24 19.80 13.87
CA TRP A 15 11.52 19.50 15.10
C TRP A 15 11.00 18.06 15.21
N HIS A 16 11.50 17.15 14.36
CA HIS A 16 11.10 15.72 14.42
C HIS A 16 12.08 14.88 13.60
N VAL A 17 13.02 14.23 14.27
CA VAL A 17 13.98 13.40 13.55
C VAL A 17 14.32 12.13 14.29
N HIS A 18 14.54 11.06 13.52
CA HIS A 18 15.07 9.81 14.05
C HIS A 18 16.51 9.64 13.58
N LEU A 19 17.45 9.70 14.52
CA LEU A 19 18.87 9.51 14.22
C LEU A 19 19.32 8.07 14.43
N ARG A 20 18.46 7.22 15.02
CA ARG A 20 18.85 5.86 15.44
C ARG A 20 20.03 5.97 16.41
N ASP A 21 20.94 4.99 16.42
CA ASP A 21 22.02 4.98 17.42
C ASP A 21 23.13 4.06 16.95
N GLY A 22 24.25 4.04 17.68
CA GLY A 22 25.33 3.10 17.40
C GLY A 22 26.07 3.43 16.13
N ASP A 23 26.37 2.41 15.33
CA ASP A 23 27.21 2.56 14.12
C ASP A 23 26.65 3.52 13.06
N VAL A 24 25.33 3.66 12.95
CA VAL A 24 24.74 4.55 11.94
C VAL A 24 24.77 6.03 12.34
N LEU A 25 25.08 6.31 13.61
CA LEU A 25 24.97 7.66 14.15
C LEU A 25 25.91 8.67 13.47
N ALA A 26 27.11 8.24 13.06
CA ALA A 26 27.99 9.13 12.30
C ALA A 26 27.38 9.60 10.98
N ASP A 27 26.61 8.71 10.33
CA ASP A 27 25.96 9.06 9.06
C ASP A 27 24.74 9.95 9.28
N THR A 28 23.89 9.61 10.25
CA THR A 28 22.67 10.37 10.46
C THR A 28 22.92 11.75 11.09
N VAL A 29 23.93 11.85 11.96
CA VAL A 29 24.26 13.14 12.59
C VAL A 29 24.95 14.07 11.59
N ARG A 30 25.76 13.51 10.71
CA ARG A 30 26.34 14.27 9.59
C ARG A 30 25.23 14.95 8.77
N ASP A 31 24.19 14.18 8.43
CA ASP A 31 23.09 14.72 7.63
C ASP A 31 22.24 15.76 8.36
N ILE A 32 21.94 15.54 9.63
CA ILE A 32 21.09 16.46 10.36
C ILE A 32 21.81 17.75 10.79
N SER A 33 23.12 17.69 10.99
CA SER A 33 23.87 18.85 11.48
C SER A 33 24.43 19.73 10.35
N ARG A 34 24.19 19.36 9.09
CA ARG A 34 24.69 20.14 7.92
C ARG A 34 24.41 21.64 8.04
N TYR A 35 23.16 21.99 8.32
CA TYR A 35 22.75 23.40 8.48
C TYR A 35 21.82 23.69 9.66
N ASN A 36 21.23 22.68 10.30
CA ASN A 36 20.30 22.92 11.43
C ASN A 36 21.04 23.50 12.63
N GLY A 37 20.43 24.49 13.28
CA GLY A 37 20.87 24.93 14.60
C GLY A 37 20.59 23.85 15.64
N ARG A 38 19.35 23.36 15.64
CA ARG A 38 18.90 22.30 16.55
C ARG A 38 18.01 21.27 15.88
N ALA A 39 17.92 20.09 16.49
CA ALA A 39 16.96 19.08 16.07
C ALA A 39 16.31 18.42 17.29
N LEU A 40 15.02 18.12 17.19
CA LEU A 40 14.29 17.39 18.24
C LEU A 40 14.43 15.89 17.97
N ILE A 41 15.11 15.21 18.88
CA ILE A 41 15.53 13.82 18.67
C ILE A 41 14.48 12.88 19.26
N MET A 42 13.85 12.10 18.40
CA MET A 42 12.77 11.21 18.84
C MET A 42 13.32 10.03 19.63
N PRO A 43 12.52 9.52 20.60
CA PRO A 43 13.05 8.56 21.57
C PRO A 43 12.89 7.06 21.26
N ASN A 44 12.47 6.69 20.06
CA ASN A 44 12.10 5.28 19.79
C ASN A 44 13.30 4.47 19.29
N THR A 45 14.41 4.60 20.01
CA THR A 45 15.59 3.76 19.83
C THR A 45 15.24 2.39 20.43
N VAL A 46 16.19 1.47 20.41
CA VAL A 46 16.03 0.15 21.05
C VAL A 46 17.17 -0.03 22.07
N PRO A 47 16.87 -0.11 23.37
CA PRO A 47 15.54 0.16 23.95
C PRO A 47 15.13 1.65 23.82
N PRO A 48 13.83 1.97 23.97
CA PRO A 48 13.41 3.37 23.84
C PRO A 48 13.96 4.26 24.98
N VAL A 49 14.10 5.55 24.71
CA VAL A 49 14.61 6.50 25.70
C VAL A 49 13.48 6.81 26.68
N THR A 50 13.35 6.04 27.76
CA THR A 50 12.26 6.17 28.74
C THR A 50 12.63 6.93 30.02
N THR A 51 13.91 7.28 30.19
CA THR A 51 14.38 7.98 31.39
C THR A 51 15.30 9.14 31.05
N THR A 52 15.45 10.05 32.00
CA THR A 52 16.32 11.21 31.86
C THR A 52 17.76 10.79 31.57
N GLU A 53 18.24 9.79 32.31
CA GLU A 53 19.62 9.32 32.19
C GLU A 53 19.92 8.82 30.78
N MET A 54 18.99 8.04 30.23
CA MET A 54 19.09 7.56 28.86
C MET A 54 19.11 8.72 27.85
N ALA A 55 18.27 9.74 28.06
CA ALA A 55 18.20 10.87 27.15
C ALA A 55 19.52 11.66 27.12
N LEU A 56 20.09 11.89 28.30
CA LEU A 56 21.33 12.67 28.43
C LEU A 56 22.54 11.94 27.86
N ALA A 57 22.59 10.62 28.06
CA ALA A 57 23.65 9.79 27.48
C ALA A 57 23.59 9.80 25.94
N TYR A 58 22.38 9.66 25.41
CA TYR A 58 22.12 9.69 23.97
C TYR A 58 22.53 11.03 23.37
N ARG A 59 22.19 12.11 24.07
CA ARG A 59 22.61 13.45 23.66
C ARG A 59 24.12 13.59 23.54
N GLU A 60 24.85 13.04 24.52
CA GLU A 60 26.31 13.05 24.50
C GLU A 60 26.88 12.31 23.30
N ARG A 61 26.28 11.17 22.94
CA ARG A 61 26.75 10.41 21.76
C ARG A 61 26.49 11.17 20.46
N ILE A 62 25.36 11.84 20.38
CA ILE A 62 25.04 12.66 19.22
C ILE A 62 26.10 13.76 19.03
N MET A 63 26.39 14.49 20.11
CA MET A 63 27.38 15.59 20.06
C MET A 63 28.78 15.07 19.78
N ALA A 64 29.11 13.88 20.30
CA ALA A 64 30.38 13.20 20.02
C ALA A 64 30.56 12.80 18.55
N ALA A 65 29.45 12.51 17.86
CA ALA A 65 29.49 12.21 16.42
C ALA A 65 29.76 13.42 15.53
N GLN A 66 29.65 14.64 16.09
CA GLN A 66 30.14 15.90 15.48
C GLN A 66 29.21 16.42 14.41
N HIS A 70 28.58 23.30 16.29
CA HIS A 70 27.54 24.32 16.39
C HIS A 70 26.07 23.83 16.37
N PHE A 71 25.86 22.50 16.37
CA PHE A 71 24.52 21.89 16.33
C PHE A 71 24.13 21.40 17.74
N GLU A 72 22.91 21.71 18.16
CA GLU A 72 22.44 21.37 19.52
C GLU A 72 21.24 20.44 19.47
N PRO A 73 21.41 19.17 19.90
CA PRO A 73 20.26 18.28 19.94
C PRO A 73 19.36 18.55 21.14
N LEU A 74 18.05 18.48 20.94
CA LEU A 74 17.06 18.60 22.01
C LEU A 74 16.36 17.26 22.14
N MET A 75 16.22 16.78 23.37
CA MET A 75 15.80 15.39 23.61
C MET A 75 14.33 15.29 24.01
N ALA A 76 13.76 14.11 23.76
CA ALA A 76 12.39 13.79 24.17
C ALA A 76 12.38 12.43 24.86
N LEU A 77 11.45 12.24 25.81
CA LEU A 77 11.22 10.95 26.45
C LEU A 77 10.13 10.16 25.74
N TYR A 78 10.23 8.85 25.82
CA TYR A 78 9.21 7.91 25.37
C TYR A 78 8.27 7.57 26.53
N LEU A 79 7.00 7.93 26.41
CA LEU A 79 6.00 7.64 27.46
C LEU A 79 5.57 6.19 27.47
N THR A 80 5.41 5.63 28.66
CA THR A 80 4.85 4.27 28.83
C THR A 80 3.83 4.29 29.97
N ASP A 81 3.11 3.19 30.15
CA ASP A 81 2.15 3.05 31.25
C ASP A 81 2.85 3.08 32.62
N ASN A 82 4.13 2.67 32.66
CA ASN A 82 4.96 2.76 33.88
C ASN A 82 5.62 4.14 34.15
N THR A 83 5.60 5.06 33.18
CA THR A 83 6.18 6.40 33.39
C THR A 83 5.51 7.08 34.59
N SER A 84 6.34 7.53 35.53
CA SER A 84 5.86 8.25 36.71
C SER A 84 5.93 9.76 36.46
N PRO A 85 5.09 10.54 37.16
CA PRO A 85 5.22 12.00 37.12
C PRO A 85 6.62 12.49 37.52
N GLU A 86 7.29 11.77 38.40
CA GLU A 86 8.63 12.12 38.87
C GLU A 86 9.69 12.16 37.76
N GLU A 87 9.61 11.22 36.80
CA GLU A 87 10.56 11.19 35.68
C GLU A 87 10.40 12.41 34.76
N ILE A 88 9.17 12.88 34.58
CA ILE A 88 8.90 14.11 33.82
C ILE A 88 9.63 15.29 34.46
N ARG A 89 9.52 15.38 35.77
CA ARG A 89 10.07 16.51 36.53
C ARG A 89 11.60 16.52 36.48
N LYS A 90 12.20 15.34 36.60
CA LYS A 90 13.64 15.18 36.50
C LYS A 90 14.14 15.54 35.10
N ALA A 91 13.42 15.10 34.07
CA ALA A 91 13.82 15.35 32.69
C ALA A 91 13.83 16.83 32.34
N LYS A 92 12.78 17.55 32.75
CA LYS A 92 12.71 18.98 32.45
C LYS A 92 13.77 19.75 33.19
N ALA A 93 14.06 19.35 34.42
CA ALA A 93 15.10 19.96 35.23
C ALA A 93 16.51 19.90 34.62
N SER A 94 16.77 18.88 33.81
CA SER A 94 18.06 18.74 33.10
C SER A 94 18.35 19.89 32.11
N GLY A 95 17.30 20.50 31.57
CA GLY A 95 17.45 21.61 30.61
C GLY A 95 17.65 21.15 29.18
N LYS A 96 17.82 19.85 28.97
CA LYS A 96 18.10 19.28 27.65
C LYS A 96 16.99 18.36 27.12
N VAL A 97 15.97 18.06 27.94
CA VAL A 97 14.81 17.29 27.53
C VAL A 97 13.61 18.24 27.57
N VAL A 98 13.01 18.47 26.40
CA VAL A 98 12.00 19.52 26.22
C VAL A 98 10.59 18.96 25.98
N ALA A 99 10.47 17.64 25.80
CA ALA A 99 9.22 17.04 25.38
C ALA A 99 9.13 15.57 25.76
N ALA A 100 7.92 15.04 25.72
CA ALA A 100 7.69 13.61 25.81
C ALA A 100 6.73 13.18 24.73
N KCX A 101 7.00 12.00 24.19
CA KCX A 101 6.30 11.47 23.04
CB KCX A 101 7.37 10.90 22.15
CG KCX A 101 6.89 10.37 20.82
CD KCX A 101 6.35 11.48 19.96
CE KCX A 101 6.10 10.99 18.55
NZ KCX A 101 7.33 10.65 17.85
C KCX A 101 5.34 10.38 23.44
O KCX A 101 5.70 9.43 24.13
CX KCX A 101 7.31 10.07 16.66
OQ1 KCX A 101 8.29 9.72 16.01
OQ2 KCX A 101 6.13 9.80 16.16
N LEU A 102 4.10 10.53 22.98
CA LEU A 102 3.05 9.54 23.14
C LEU A 102 2.96 8.71 21.86
N TYR A 103 3.41 7.45 21.95
CA TYR A 103 3.21 6.43 20.90
C TYR A 103 2.09 5.51 21.40
N PRO A 104 0.94 5.48 20.71
CA PRO A 104 -0.14 4.58 21.15
C PRO A 104 0.18 3.08 20.98
N GLY A 114 4.65 1.39 24.77
CA GLY A 114 3.93 2.65 24.65
C GLY A 114 2.81 2.76 25.66
N VAL A 115 1.85 3.63 25.35
CA VAL A 115 0.72 3.90 26.23
C VAL A 115 -0.47 3.12 25.70
N THR A 116 -0.95 2.17 26.49
CA THR A 116 -2.14 1.38 26.16
C THR A 116 -3.43 2.18 26.35
N SER A 117 -3.47 3.00 27.40
CA SER A 117 -4.62 3.87 27.67
C SER A 117 -4.15 5.26 28.06
N ALA A 118 -4.70 6.28 27.39
CA ALA A 118 -4.45 7.69 27.73
C ALA A 118 -4.74 8.00 29.22
N LYS A 119 -5.82 7.40 29.75
CA LYS A 119 -6.20 7.54 31.17
C LYS A 119 -5.09 7.17 32.16
N ASN A 120 -4.28 6.16 31.83
CA ASN A 120 -3.18 5.72 32.69
C ASN A 120 -2.10 6.79 32.92
N ILE A 121 -1.90 7.68 31.96
CA ILE A 121 -0.86 8.69 32.03
C ILE A 121 -1.36 10.10 32.40
N TYR A 122 -2.59 10.22 32.87
CA TYR A 122 -3.11 11.54 33.26
C TYR A 122 -2.27 12.27 34.31
N PRO A 123 -1.77 11.55 35.35
CA PRO A 123 -0.82 12.14 36.30
C PRO A 123 0.49 12.63 35.65
N VAL A 124 0.94 11.91 34.63
CA VAL A 124 2.13 12.30 33.85
C VAL A 124 1.84 13.61 33.07
N LEU A 125 0.68 13.66 32.40
CA LEU A 125 0.30 14.83 31.61
C LEU A 125 0.14 16.06 32.48
N GLN A 126 -0.38 15.87 33.69
CA GLN A 126 -0.49 16.95 34.67
C GLN A 126 0.89 17.50 35.02
N ALA A 127 1.83 16.61 35.30
CA ALA A 127 3.21 16.99 35.58
C ALA A 127 3.86 17.73 34.40
N MET A 128 3.59 17.26 33.18
CA MET A 128 4.10 17.92 31.96
C MET A 128 3.57 19.35 31.82
N GLN A 129 2.26 19.51 32.01
CA GLN A 129 1.60 20.82 31.99
C GLN A 129 2.29 21.78 32.97
N GLU A 130 2.47 21.31 34.22
CA GLU A 130 3.06 22.10 35.30
C GLU A 130 4.49 22.58 35.04
N VAL A 131 5.32 21.73 34.45
CA VAL A 131 6.73 22.09 34.17
C VAL A 131 6.97 22.69 32.78
N GLY A 132 5.95 22.73 31.91
CA GLY A 132 6.10 23.28 30.57
C GLY A 132 6.81 22.36 29.60
N MET A 133 6.71 21.05 29.80
CA MET A 133 7.20 20.06 28.84
C MET A 133 6.11 19.86 27.80
N LEU A 134 6.52 19.83 26.53
CA LEU A 134 5.58 19.64 25.41
C LEU A 134 5.23 18.15 25.27
N LEU A 135 3.96 17.89 24.93
CA LEU A 135 3.50 16.56 24.56
C LEU A 135 3.54 16.48 23.05
N LEU A 136 4.33 15.53 22.55
CA LEU A 136 4.38 15.22 21.13
C LEU A 136 3.54 13.97 20.94
N VAL A 137 2.67 13.99 19.93
CA VAL A 137 1.74 12.89 19.68
C VAL A 137 1.91 12.33 18.28
N HIS A 138 2.22 11.03 18.20
CA HIS A 138 2.06 10.24 16.97
C HIS A 138 0.56 9.87 16.96
N GLY A 139 -0.21 10.62 16.19
CA GLY A 139 -1.65 10.56 16.27
C GLY A 139 -2.25 9.48 15.40
N GLU A 140 -2.15 8.23 15.84
CA GLU A 140 -2.78 7.08 15.21
C GLU A 140 -3.25 6.07 16.24
N VAL A 141 -4.51 5.64 16.14
CA VAL A 141 -5.00 4.49 16.91
C VAL A 141 -4.49 3.21 16.25
N THR A 142 -4.51 2.11 16.99
CA THR A 142 -4.01 0.82 16.52
C THR A 142 -5.09 -0.26 16.50
N THR A 143 -6.36 0.15 16.60
CA THR A 143 -7.50 -0.77 16.65
C THR A 143 -7.58 -1.56 15.34
N HIS A 144 -7.71 -2.88 15.48
CA HIS A 144 -7.77 -3.80 14.33
C HIS A 144 -8.92 -3.47 13.37
N GLU A 145 -10.05 -3.05 13.95
CA GLU A 145 -11.23 -2.66 13.17
C GLU A 145 -11.09 -1.40 12.29
N VAL A 146 -10.09 -0.55 12.55
CA VAL A 146 -9.96 0.73 11.85
C VAL A 146 -9.00 0.66 10.65
N ASP A 147 -9.51 1.06 9.49
CA ASP A 147 -8.75 1.14 8.26
C ASP A 147 -7.52 2.07 8.42
N ILE A 148 -6.39 1.65 7.87
CA ILE A 148 -5.13 2.36 8.06
C ILE A 148 -5.15 3.84 7.63
N PHE A 149 -5.88 4.15 6.57
CA PHE A 149 -6.03 5.53 6.09
C PHE A 149 -6.95 6.38 6.98
N ASP A 150 -7.75 5.73 7.83
CA ASP A 150 -8.63 6.40 8.80
C ASP A 150 -8.05 6.54 10.21
N ARG A 151 -6.86 6.00 10.46
CA ARG A 151 -6.32 5.95 11.82
C ARG A 151 -5.99 7.30 12.42
N GLU A 152 -5.50 8.22 11.59
CA GLU A 152 -5.20 9.59 12.03
C GLU A 152 -6.45 10.34 12.44
N LYS A 153 -7.47 10.34 11.58
CA LYS A 153 -8.74 11.00 11.87
C LYS A 153 -9.38 10.41 13.14
N THR A 154 -9.37 9.09 13.28
CA THR A 154 -9.92 8.41 14.45
C THR A 154 -9.21 8.82 15.76
N PHE A 155 -7.90 8.96 15.68
CA PHE A 155 -7.12 9.43 16.80
C PHE A 155 -7.48 10.85 17.27
N LEU A 156 -7.72 11.74 16.30
CA LEU A 156 -8.07 13.13 16.62
C LEU A 156 -9.32 13.17 17.48
N ASP A 157 -10.33 12.38 17.09
CA ASP A 157 -11.61 12.35 17.77
C ASP A 157 -11.56 11.64 19.12
N THR A 158 -10.97 10.44 19.16
CA THR A 158 -11.05 9.58 20.36
C THR A 158 -10.01 9.92 21.45
N VAL A 159 -8.80 10.33 21.05
CA VAL A 159 -7.71 10.51 22.02
C VAL A 159 -7.30 11.97 22.19
N LEU A 160 -6.98 12.66 21.09
CA LEU A 160 -6.38 13.99 21.16
C LEU A 160 -7.36 15.03 21.72
N ALA A 161 -8.58 15.04 21.22
CA ALA A 161 -9.54 16.07 21.63
C ALA A 161 -9.83 16.03 23.16
N PRO A 162 -10.06 14.83 23.74
CA PRO A 162 -10.19 14.73 25.21
C PRO A 162 -8.98 15.26 25.98
N ILE A 163 -7.76 14.97 25.51
CA ILE A 163 -6.55 15.47 26.16
C ILE A 163 -6.47 17.00 26.10
N VAL A 164 -6.69 17.57 24.92
CA VAL A 164 -6.68 19.02 24.74
C VAL A 164 -7.71 19.67 25.68
N ASN A 165 -8.89 19.07 25.76
CA ASN A 165 -9.96 19.53 26.67
C ASN A 165 -9.58 19.49 28.14
N ASP A 166 -8.84 18.45 28.55
CA ASP A 166 -8.49 18.23 29.95
C ASP A 166 -7.21 18.97 30.41
N PHE A 167 -6.35 19.35 29.46
CA PHE A 167 -5.06 19.99 29.78
C PHE A 167 -4.88 21.23 28.90
N PRO A 168 -5.64 22.31 29.19
CA PRO A 168 -5.66 23.49 28.30
C PRO A 168 -4.39 24.30 28.24
N GLN A 169 -3.49 24.16 29.22
CA GLN A 169 -2.21 24.86 29.22
C GLN A 169 -1.03 23.93 28.89
N LEU A 170 -1.32 22.71 28.49
CA LEU A 170 -0.29 21.77 28.00
C LEU A 170 -0.06 22.08 26.52
N LYS A 171 1.19 22.35 26.15
CA LYS A 171 1.56 22.51 24.74
C LYS A 171 1.64 21.12 24.10
N ILE A 172 0.92 20.97 22.99
CA ILE A 172 0.76 19.70 22.32
C ILE A 172 1.14 19.90 20.86
N VAL A 173 2.07 19.10 20.38
CA VAL A 173 2.38 19.06 18.95
C VAL A 173 1.82 17.76 18.38
N LEU A 174 0.95 17.90 17.39
CA LEU A 174 0.50 16.78 16.60
C LEU A 174 1.57 16.57 15.52
N GLU A 175 2.34 15.51 15.68
CA GLU A 175 3.49 15.28 14.82
C GLU A 175 3.06 14.84 13.42
N HIS A 176 3.91 15.14 12.42
CA HIS A 176 3.71 14.71 11.04
C HIS A 176 2.23 14.53 10.63
N ILE A 177 1.52 15.63 10.52
CA ILE A 177 0.12 15.56 10.09
C ILE A 177 0.05 15.21 8.60
N THR A 178 -0.99 14.46 8.25
CA THR A 178 -1.12 13.90 6.90
C THR A 178 -2.46 14.13 6.22
N THR A 179 -3.43 14.72 6.93
CA THR A 179 -4.78 14.86 6.43
C THR A 179 -5.28 16.31 6.57
N ALA A 180 -6.20 16.68 5.72
CA ALA A 180 -6.96 17.92 5.87
C ALA A 180 -7.73 17.92 7.19
N ASP A 181 -8.12 16.75 7.70
CA ASP A 181 -8.81 16.62 9.00
C ASP A 181 -7.91 17.13 10.14
N ALA A 182 -6.65 16.74 10.12
CA ALA A 182 -5.68 17.22 11.11
C ALA A 182 -5.36 18.71 10.93
N VAL A 183 -5.23 19.18 9.68
CA VAL A 183 -4.98 20.60 9.42
C VAL A 183 -6.11 21.44 10.06
N THR A 184 -7.35 21.04 9.83
CA THR A 184 -8.51 21.77 10.34
C THR A 184 -8.57 21.72 11.86
N PHE A 185 -8.29 20.54 12.42
CA PHE A 185 -8.25 20.37 13.89
C PHE A 185 -7.28 21.37 14.51
N VAL A 186 -6.05 21.40 13.99
CA VAL A 186 -4.99 22.26 14.53
C VAL A 186 -5.35 23.75 14.37
N GLN A 187 -5.85 24.13 13.19
CA GLN A 187 -6.27 25.52 12.95
C GLN A 187 -7.37 25.97 13.90
N GLN A 188 -8.27 25.06 14.28
CA GLN A 188 -9.42 25.39 15.11
C GLN A 188 -9.18 25.14 16.59
N ALA A 189 -8.12 24.40 16.94
CA ALA A 189 -7.76 24.24 18.35
C ALA A 189 -7.11 25.53 18.84
N GLY A 190 -6.87 25.59 20.15
CA GLY A 190 -6.35 26.82 20.76
C GLY A 190 -4.89 27.11 20.47
N ASP A 191 -4.37 28.09 21.19
CA ASP A 191 -2.96 28.47 21.12
C ASP A 191 -1.99 27.38 21.58
N ASN A 192 -2.47 26.37 22.30
CA ASN A 192 -1.63 25.31 22.84
C ASN A 192 -1.46 24.10 21.92
N VAL A 193 -1.98 24.18 20.69
CA VAL A 193 -1.91 23.07 19.73
C VAL A 193 -1.23 23.52 18.45
N ALA A 194 -0.25 22.74 18.02
CA ALA A 194 0.48 22.99 16.78
C ALA A 194 0.82 21.65 16.12
N ALA A 195 1.45 21.68 14.95
CA ALA A 195 1.79 20.46 14.24
C ALA A 195 3.03 20.61 13.37
N THR A 196 3.70 19.48 13.17
CA THR A 196 4.81 19.37 12.22
C THR A 196 4.36 18.75 10.91
N ILE A 197 5.03 19.13 9.82
CA ILE A 197 4.71 18.60 8.50
C ILE A 197 6.02 18.15 7.84
N THR A 198 6.02 16.92 7.32
CA THR A 198 7.21 16.34 6.71
C THR A 198 7.38 16.83 5.28
N ALA A 199 8.57 16.68 4.73
CA ALA A 199 8.80 16.97 3.32
C ALA A 199 8.11 15.95 2.41
N HIS A 200 8.14 14.69 2.81
CA HIS A 200 7.61 13.61 1.98
C HIS A 200 6.08 13.64 1.87
N HIS A 201 5.37 14.01 2.92
CA HIS A 201 3.91 14.17 2.82
C HIS A 201 3.52 15.42 2.01
N LEU A 202 4.45 16.34 1.80
CA LEU A 202 4.21 17.49 0.90
C LEU A 202 4.46 17.15 -0.55
N LEU A 203 5.50 16.37 -0.81
CA LEU A 203 5.88 16.05 -2.18
C LEU A 203 5.08 14.88 -2.77
N PHE A 204 4.63 13.94 -1.93
CA PHE A 204 4.03 12.71 -2.43
C PHE A 204 2.65 12.43 -1.82
N ASN A 205 1.93 11.51 -2.47
CA ASN A 205 0.66 11.00 -1.98
C ASN A 205 0.72 9.47 -2.19
N ARG A 206 -0.34 8.76 -1.83
CA ARG A 206 -0.32 7.28 -1.83
C ARG A 206 -0.11 6.65 -3.21
N ASN A 207 -0.44 7.39 -4.28
CA ASN A 207 -0.19 6.92 -5.65
C ASN A 207 1.29 6.72 -5.95
N HIS A 208 2.15 7.57 -5.40
CA HIS A 208 3.61 7.38 -5.57
C HIS A 208 4.08 6.03 -4.98
N MET A 209 3.41 5.57 -3.93
CA MET A 209 3.79 4.31 -3.28
C MET A 209 3.22 3.05 -3.98
N LEU A 210 2.14 3.19 -4.75
CA LEU A 210 1.34 2.03 -5.20
C LEU A 210 1.05 1.89 -6.71
N VAL A 211 1.18 2.97 -7.48
CA VAL A 211 0.88 2.92 -8.92
C VAL A 211 2.11 2.38 -9.69
N GLY A 212 1.88 1.39 -10.55
CA GLY A 212 2.94 0.82 -11.39
C GLY A 212 3.96 -0.02 -10.63
N GLY A 213 3.60 -0.50 -9.45
CA GLY A 213 4.52 -1.24 -8.58
C GLY A 213 4.49 -0.69 -7.17
N ILE A 214 4.80 -1.56 -6.21
CA ILE A 214 4.83 -1.17 -4.80
C ILE A 214 6.23 -0.69 -4.38
N ARG A 215 6.29 0.49 -3.76
CA ARG A 215 7.55 1.19 -3.50
C ARG A 215 7.78 1.43 -2.02
N PRO A 216 8.46 0.49 -1.33
CA PRO A 216 8.56 0.59 0.12
C PRO A 216 9.38 1.76 0.67
N HIS A 217 10.25 2.36 -0.14
CA HIS A 217 10.98 3.56 0.30
C HIS A 217 10.06 4.78 0.47
N PHE A 218 8.86 4.71 -0.10
CA PHE A 218 7.80 5.67 0.19
C PHE A 218 6.89 5.28 1.37
N TYR A 219 7.05 4.05 1.89
CA TYR A 219 6.23 3.57 3.00
C TYR A 219 6.71 4.13 4.35
N CYS A 220 5.79 4.83 5.02
CA CYS A 220 6.04 5.47 6.30
C CYS A 220 4.73 5.44 7.06
N LEU A 221 4.83 5.71 8.37
CA LEU A 221 3.67 5.93 9.22
C LEU A 221 3.76 7.35 9.82
N PRO A 222 2.66 8.11 9.83
CA PRO A 222 1.41 7.77 9.18
C PRO A 222 1.54 7.71 7.66
N ILE A 223 0.70 6.87 7.07
CA ILE A 223 0.79 6.52 5.68
C ILE A 223 0.48 7.71 4.78
N LEU A 224 1.14 7.77 3.64
CA LEU A 224 0.79 8.72 2.58
C LEU A 224 -0.70 8.58 2.25
N LYS A 225 -1.36 9.73 2.10
CA LYS A 225 -2.81 9.77 1.91
C LYS A 225 -3.12 10.21 0.47
N ARG A 226 -4.41 10.34 0.16
CA ARG A 226 -4.88 10.89 -1.12
C ARG A 226 -4.26 12.24 -1.47
N ALA A 227 -4.22 12.53 -2.77
CA ALA A 227 -3.75 13.84 -3.28
C ALA A 227 -4.51 15.04 -2.71
N THR A 228 -5.81 14.88 -2.44
CA THR A 228 -6.57 15.99 -1.83
C THR A 228 -6.05 16.34 -0.45
N HIS A 229 -5.64 15.34 0.34
CA HIS A 229 -5.00 15.59 1.64
C HIS A 229 -3.63 16.24 1.50
N GLN A 230 -2.81 15.75 0.57
CA GLN A 230 -1.52 16.36 0.24
C GLN A 230 -1.66 17.88 -0.08
N HIS A 231 -2.66 18.23 -0.88
CA HIS A 231 -2.89 19.63 -1.22
C HIS A 231 -3.22 20.51 -0.01
N ALA A 232 -3.97 19.98 0.95
CA ALA A 232 -4.25 20.69 2.20
C ALA A 232 -2.97 20.92 3.04
N LEU A 233 -2.06 19.94 3.03
CA LEU A 233 -0.79 20.08 3.73
C LEU A 233 0.12 21.12 3.10
N VAL A 234 0.16 21.15 1.77
CA VAL A 234 0.95 22.14 1.04
C VAL A 234 0.46 23.54 1.36
N ALA A 235 -0.86 23.72 1.36
CA ALA A 235 -1.48 24.99 1.74
C ALA A 235 -1.13 25.38 3.16
N ALA A 236 -1.19 24.43 4.09
CA ALA A 236 -0.85 24.70 5.48
C ALA A 236 0.61 25.12 5.63
N ALA A 237 1.51 24.29 5.10
CA ALA A 237 2.94 24.54 5.22
C ALA A 237 3.37 25.87 4.60
N THR A 238 2.91 26.14 3.38
CA THR A 238 3.31 27.36 2.65
C THR A 238 2.59 28.63 3.06
N SER A 239 1.58 28.51 3.92
CA SER A 239 0.92 29.69 4.49
C SER A 239 1.87 30.45 5.45
N GLY A 240 2.82 29.72 6.05
CA GLY A 240 3.65 30.27 7.11
C GLY A 240 2.94 30.42 8.45
N SER A 241 1.67 30.04 8.54
CA SER A 241 0.88 30.09 9.79
C SER A 241 1.69 29.58 10.96
N LYS A 242 1.58 30.26 12.10
CA LYS A 242 2.37 29.93 13.29
C LYS A 242 2.13 28.52 13.83
N LYS A 243 1.01 27.91 13.44
CA LYS A 243 0.66 26.58 13.94
C LYS A 243 1.37 25.42 13.23
N PHE A 244 2.13 25.72 12.15
CA PHE A 244 2.77 24.69 11.34
C PHE A 244 4.25 24.97 11.22
N PHE A 245 5.07 23.95 11.49
CA PHE A 245 6.52 24.11 11.41
C PHE A 245 7.21 22.83 10.94
N LEU A 246 8.51 22.96 10.68
CA LEU A 246 9.27 21.96 10.00
C LEU A 246 9.61 20.81 10.91
N GLY A 247 9.24 19.60 10.49
CA GLY A 247 9.61 18.39 11.20
C GLY A 247 9.70 17.32 10.14
N THR A 248 10.90 16.85 9.83
CA THR A 248 11.08 15.95 8.70
C THR A 248 10.50 14.55 8.91
N ASP A 249 10.52 14.06 10.15
CA ASP A 249 10.35 12.63 10.45
C ASP A 249 11.23 11.75 9.57
N SER A 250 12.46 12.21 9.33
CA SER A 250 13.42 11.41 8.59
C SER A 250 13.69 10.19 9.46
N ALA A 251 13.53 8.99 8.86
CA ALA A 251 13.47 7.75 9.60
C ALA A 251 14.13 6.63 8.80
N PRO A 252 15.47 6.58 8.79
CA PRO A 252 16.17 5.65 7.92
C PRO A 252 16.18 4.21 8.43
N HIS A 253 16.08 3.28 7.49
CA HIS A 253 16.30 1.87 7.73
C HIS A 253 17.17 1.36 6.62
N ALA A 254 17.90 0.29 6.93
CA ALA A 254 18.72 -0.40 5.96
C ALA A 254 17.85 -0.87 4.78
N LYS A 255 18.45 -0.84 3.59
CA LYS A 255 17.77 -1.24 2.36
C LYS A 255 17.12 -2.62 2.47
N GLY A 256 17.86 -3.59 3.02
CA GLY A 256 17.36 -4.95 3.26
C GLY A 256 16.15 -5.08 4.18
N ARG A 257 16.01 -4.17 5.14
CA ARG A 257 14.82 -4.17 6.02
C ARG A 257 13.63 -3.44 5.36
N LYS A 258 13.89 -2.63 4.34
CA LYS A 258 12.82 -1.95 3.58
C LYS A 258 12.25 -2.88 2.51
N GLU A 259 13.15 -3.57 1.82
CA GLU A 259 12.81 -4.41 0.66
C GLU A 259 12.74 -5.86 1.14
N ALA A 260 11.64 -6.20 1.83
CA ALA A 260 11.49 -7.49 2.48
C ALA A 260 10.03 -7.93 2.50
N ALA A 261 9.79 -9.17 2.91
CA ALA A 261 8.42 -9.72 3.01
C ALA A 261 7.54 -8.83 3.88
N CSX A 262 8.11 -8.29 4.96
CA CSX A 262 7.47 -7.27 5.78
CB CSX A 262 7.03 -7.92 7.09
SG CSX A 262 6.28 -6.74 8.10
C CSX A 262 8.47 -6.15 5.95
O CSX A 262 9.42 -6.29 6.70
OD CSX A 262 6.49 -6.96 9.58
N GLY A 263 8.27 -5.05 5.22
CA GLY A 263 9.20 -3.92 5.21
C GLY A 263 8.89 -2.91 6.29
N CSX A 264 9.94 -2.33 6.86
CA CSX A 264 9.81 -1.32 7.91
CB CSX A 264 11.18 -1.06 8.55
SG CSX A 264 11.77 -2.43 9.37
C CSX A 264 9.30 -0.01 7.37
O CSX A 264 9.58 0.39 6.24
OD CSX A 264 10.99 -2.88 10.58
N ALA A 265 8.53 0.68 8.21
CA ALA A 265 8.06 2.03 7.95
C ALA A 265 9.18 3.04 8.18
N GLY A 266 9.31 3.99 7.24
CA GLY A 266 10.24 5.12 7.41
C GLY A 266 10.88 5.57 6.10
N SER A 267 10.78 6.87 5.79
CA SER A 267 11.41 7.46 4.60
C SER A 267 12.59 8.34 5.04
N TYR A 268 13.66 8.37 4.24
CA TYR A 268 14.85 9.12 4.57
C TYR A 268 14.99 10.39 3.75
N THR A 269 14.84 11.55 4.43
CA THR A 269 14.93 12.87 3.79
C THR A 269 15.98 13.82 4.41
N ALA A 270 16.68 13.40 5.46
CA ALA A 270 17.64 14.28 6.16
C ALA A 270 18.82 14.71 5.29
N HIS A 271 19.15 13.90 4.28
CA HIS A 271 20.19 14.26 3.30
C HIS A 271 19.89 15.52 2.48
N ALA A 272 18.62 15.90 2.37
CA ALA A 272 18.24 17.07 1.57
C ALA A 272 16.93 17.74 2.00
N ALA A 273 16.66 17.77 3.30
CA ALA A 273 15.32 18.11 3.79
C ALA A 273 14.87 19.53 3.42
N LEU A 274 15.61 20.54 3.84
CA LEU A 274 15.25 21.95 3.52
C LEU A 274 15.27 22.23 2.02
N GLU A 275 16.19 21.58 1.32
CA GLU A 275 16.23 21.62 -0.16
C GLU A 275 14.93 21.08 -0.76
N LEU A 276 14.41 19.96 -0.24
CA LEU A 276 13.11 19.42 -0.68
C LEU A 276 11.95 20.35 -0.34
N TYR A 277 11.94 20.91 0.88
CA TYR A 277 10.92 21.88 1.25
C TYR A 277 11.00 23.12 0.33
N ALA A 278 12.21 23.58 0.00
CA ALA A 278 12.38 24.74 -0.88
C ALA A 278 11.72 24.54 -2.25
N GLU A 279 11.84 23.34 -2.83
CA GLU A 279 11.13 23.01 -4.08
C GLU A 279 9.63 23.15 -3.97
N VAL A 280 9.05 22.71 -2.85
CA VAL A 280 7.60 22.84 -2.61
C VAL A 280 7.22 24.33 -2.52
N PHE A 281 7.95 25.08 -1.71
CA PHE A 281 7.67 26.51 -1.52
C PHE A 281 7.90 27.32 -2.80
N GLU A 282 8.92 26.96 -3.57
CA GLU A 282 9.20 27.64 -4.86
C GLU A 282 8.10 27.39 -5.87
N LYS A 283 7.70 26.12 -6.02
CA LYS A 283 6.62 25.72 -6.91
C LYS A 283 5.31 26.46 -6.57
N GLU A 284 5.06 26.66 -5.28
CA GLU A 284 3.89 27.40 -4.81
C GLU A 284 4.08 28.93 -4.82
N GLY A 285 5.25 29.42 -5.22
CA GLY A 285 5.53 30.84 -5.34
C GLY A 285 5.60 31.54 -4.01
N LYS A 286 6.09 30.83 -2.99
CA LYS A 286 6.00 31.28 -1.61
C LYS A 286 7.33 31.10 -0.87
N LEU A 287 8.46 31.27 -1.57
CA LEU A 287 9.78 31.12 -0.93
C LEU A 287 9.98 32.05 0.26
N GLU A 288 9.36 33.22 0.22
CA GLU A 288 9.43 34.16 1.36
C GLU A 288 8.84 33.63 2.69
N ASN A 289 8.00 32.59 2.64
CA ASN A 289 7.37 32.00 3.84
C ASN A 289 8.12 30.78 4.36
N LEU A 290 9.21 30.40 3.68
CA LEU A 290 9.99 29.26 4.12
C LEU A 290 10.67 29.52 5.45
N GLU A 291 11.19 30.74 5.62
CA GLU A 291 11.84 31.15 6.86
C GLU A 291 10.97 30.96 8.09
N ALA A 292 9.72 31.40 8.03
CA ALA A 292 8.80 31.27 9.15
C ALA A 292 8.58 29.79 9.50
N PHE A 293 8.27 28.99 8.47
CA PHE A 293 8.03 27.54 8.63
C PHE A 293 9.25 26.79 9.18
N ALA A 294 10.42 27.11 8.63
CA ALA A 294 11.67 26.40 8.95
C ALA A 294 12.42 26.95 10.17
N SER A 295 12.30 28.25 10.46
CA SER A 295 13.18 28.94 11.42
C SER A 295 12.52 29.75 12.54
N PHE A 296 11.22 30.07 12.44
CA PHE A 296 10.56 30.91 13.43
C PHE A 296 9.48 30.15 14.23
N ASN A 297 8.59 29.44 13.54
CA ASN A 297 7.36 28.94 14.16
C ASN A 297 7.59 27.89 15.25
N GLY A 298 8.54 26.98 15.01
CA GLY A 298 8.87 25.92 15.97
C GLY A 298 9.46 26.47 17.25
N PRO A 299 10.55 27.25 17.14
CA PRO A 299 11.13 27.86 18.34
C PRO A 299 10.13 28.75 19.13
N ASP A 300 9.32 29.53 18.41
CA ASP A 300 8.27 30.34 19.05
C ASP A 300 7.29 29.44 19.83
N PHE A 301 6.84 28.33 19.22
CA PHE A 301 5.91 27.41 19.90
C PHE A 301 6.54 26.68 21.09
N TYR A 302 7.79 26.23 20.91
CA TYR A 302 8.53 25.60 22.00
C TYR A 302 8.98 26.59 23.08
N GLY A 303 8.90 27.89 22.80
CA GLY A 303 9.32 28.91 23.76
C GLY A 303 10.83 29.05 23.84
N LEU A 304 11.52 28.81 22.73
CA LEU A 304 12.97 28.82 22.66
C LEU A 304 13.40 29.95 21.73
N PRO A 305 14.65 30.44 21.88
CA PRO A 305 15.08 31.53 20.98
C PRO A 305 15.26 31.06 19.54
N ARG A 306 15.07 31.98 18.61
CA ARG A 306 15.42 31.77 17.20
C ARG A 306 16.93 31.79 17.02
N ASN A 307 17.42 31.12 15.97
CA ASN A 307 18.83 31.16 15.61
C ASN A 307 19.21 32.57 15.15
N GLN A 308 20.44 32.96 15.43
CA GLN A 308 20.94 34.31 15.10
C GLN A 308 21.85 34.34 13.88
N GLU A 309 22.17 33.17 13.33
CA GLU A 309 22.95 33.04 12.10
C GLU A 309 21.98 32.84 10.95
N THR A 310 22.50 32.97 9.73
CA THR A 310 21.73 32.78 8.51
C THR A 310 22.29 31.65 7.67
N VAL A 311 21.44 31.11 6.81
CA VAL A 311 21.86 30.18 5.77
C VAL A 311 21.43 30.75 4.43
N THR A 312 22.11 30.32 3.37
CA THR A 312 21.80 30.75 2.02
C THR A 312 21.31 29.57 1.20
N LEU A 313 20.15 29.75 0.58
CA LEU A 313 19.56 28.79 -0.34
C LEU A 313 19.91 29.24 -1.75
N THR A 314 20.48 28.33 -2.54
CA THR A 314 20.90 28.62 -3.90
C THR A 314 20.19 27.65 -4.83
N LYS A 315 19.61 28.20 -5.90
CA LYS A 315 18.94 27.40 -6.92
C LYS A 315 20.01 26.79 -7.84
N GLN A 316 20.38 25.54 -7.54
CA GLN A 316 21.34 24.80 -8.34
C GLN A 316 21.07 23.29 -8.14
N ALA A 317 20.98 22.59 -9.26
CA ALA A 317 20.55 21.19 -9.23
C ALA A 317 21.73 20.26 -8.97
N TRP A 318 21.50 19.21 -8.21
CA TRP A 318 22.51 18.20 -7.97
C TRP A 318 21.90 16.80 -7.89
N PRO A 319 22.59 15.78 -8.43
CA PRO A 319 22.09 14.39 -8.39
C PRO A 319 22.25 13.74 -7.03
N VAL A 320 21.27 12.94 -6.63
CA VAL A 320 21.32 12.15 -5.39
C VAL A 320 21.77 10.75 -5.76
N ALA A 321 22.66 10.18 -4.96
CA ALA A 321 23.14 8.80 -5.19
C ALA A 321 22.04 7.76 -5.01
N GLU A 322 22.18 6.62 -5.67
CA GLU A 322 21.25 5.49 -5.53
C GLU A 322 21.14 4.98 -4.09
N SER A 323 22.24 5.09 -3.35
CA SER A 323 22.26 4.76 -1.94
C SER A 323 23.35 5.54 -1.23
N MET A 324 23.19 5.65 0.09
CA MET A 324 24.16 6.32 0.95
C MET A 324 24.55 5.36 2.07
N PRO A 325 25.76 5.54 2.65
CA PRO A 325 26.19 4.66 3.74
C PRO A 325 25.34 4.85 5.00
N PHE A 326 25.11 3.75 5.70
CA PHE A 326 24.23 3.73 6.85
C PHE A 326 24.87 2.73 7.82
N GLY A 327 25.90 3.20 8.51
CA GLY A 327 26.75 2.32 9.32
C GLY A 327 27.45 1.33 8.40
N SER A 328 27.29 0.03 8.71
CA SER A 328 27.81 -1.05 7.88
C SER A 328 26.87 -1.48 6.74
N ASP A 329 25.69 -0.86 6.65
CA ASP A 329 24.72 -1.14 5.59
C ASP A 329 24.54 0.11 4.70
N ILE A 330 23.51 0.13 3.87
CA ILE A 330 23.16 1.32 3.08
C ILE A 330 21.69 1.67 3.28
N VAL A 331 21.37 2.93 2.99
CA VAL A 331 20.01 3.44 3.01
C VAL A 331 19.73 4.03 1.62
N VAL A 332 18.50 3.83 1.15
CA VAL A 332 18.03 4.44 -0.11
C VAL A 332 17.33 5.74 0.27
N PRO A 333 17.90 6.90 -0.15
CA PRO A 333 17.27 8.17 0.18
C PRO A 333 16.09 8.49 -0.74
N ILE A 334 15.21 9.37 -0.26
CA ILE A 334 14.21 9.99 -1.13
C ILE A 334 14.93 10.76 -2.23
N ARG A 335 14.40 10.68 -3.45
CA ARG A 335 15.05 11.20 -4.68
C ARG A 335 16.36 10.48 -5.09
N ALA A 336 16.58 9.25 -4.59
CA ALA A 336 17.68 8.40 -5.06
C ALA A 336 17.68 8.31 -6.58
N GLY A 337 18.84 8.55 -7.20
CA GLY A 337 18.96 8.51 -8.65
C GLY A 337 18.29 9.65 -9.39
N GLU A 338 17.91 10.72 -8.69
CA GLU A 338 17.24 11.88 -9.29
C GLU A 338 17.95 13.15 -8.81
N ASN A 339 17.42 14.31 -9.19
CA ASN A 339 18.00 15.59 -8.85
C ASN A 339 17.26 16.27 -7.73
N ILE A 340 17.98 17.08 -6.97
CA ILE A 340 17.39 18.02 -6.02
C ILE A 340 17.73 19.39 -6.61
N GLU A 341 16.78 20.32 -6.51
CA GLU A 341 16.87 21.60 -7.24
C GLU A 341 17.54 22.77 -6.51
N TRP A 342 17.69 22.65 -5.19
CA TRP A 342 18.30 23.69 -4.37
C TRP A 342 19.45 23.12 -3.55
N THR A 343 20.35 24.02 -3.13
CA THR A 343 21.31 23.72 -2.08
C THR A 343 21.12 24.72 -0.95
N VAL A 344 21.36 24.29 0.27
CA VAL A 344 21.36 25.21 1.42
C VAL A 344 22.66 25.01 2.16
N LYS A 345 23.31 26.12 2.49
CA LYS A 345 24.58 26.12 3.18
C LYS A 345 24.57 27.25 4.19
N SER B 1 -8.80 -26.21 13.59
CA SER B 1 -10.03 -26.89 14.11
C SER B 1 -9.97 -28.42 13.96
N ASN B 2 -9.64 -28.92 12.76
CA ASN B 2 -9.47 -30.38 12.50
C ASN B 2 -10.68 -31.26 12.87
N ALA B 3 -11.90 -30.74 12.66
CA ALA B 3 -13.14 -31.52 12.89
C ALA B 3 -13.20 -32.80 12.06
N MET B 4 -12.50 -32.79 10.93
CA MET B 4 -12.39 -33.95 10.02
C MET B 4 -13.75 -34.32 9.40
N THR B 5 -14.60 -33.30 9.22
CA THR B 5 -15.86 -33.45 8.54
C THR B 5 -15.57 -33.23 7.06
N THR B 6 -16.47 -33.78 6.26
CA THR B 6 -16.26 -33.94 4.82
C THR B 6 -17.39 -33.28 4.03
N LEU B 7 -17.03 -32.74 2.87
CA LEU B 7 -18.00 -32.25 1.91
C LEU B 7 -17.55 -32.70 0.53
N THR B 8 -18.42 -33.43 -0.17
CA THR B 8 -18.13 -33.83 -1.55
C THR B 8 -18.93 -32.91 -2.50
N ILE B 9 -18.24 -32.28 -3.45
CA ILE B 9 -18.88 -31.46 -4.46
C ILE B 9 -18.37 -31.81 -5.84
N THR B 10 -19.09 -31.35 -6.86
CA THR B 10 -18.63 -31.38 -8.23
C THR B 10 -17.22 -30.75 -8.35
N ARG B 11 -16.36 -31.42 -9.13
CA ARG B 11 -15.01 -30.90 -9.45
C ARG B 11 -15.08 -29.44 -9.97
N PRO B 12 -14.28 -28.54 -9.40
CA PRO B 12 -14.36 -27.11 -9.77
C PRO B 12 -13.46 -26.76 -10.96
N ASP B 13 -13.43 -25.48 -11.30
CA ASP B 13 -12.59 -24.91 -12.35
C ASP B 13 -12.11 -23.56 -11.83
N ASP B 14 -11.09 -22.99 -12.46
CA ASP B 14 -10.61 -21.64 -12.13
C ASP B 14 -10.68 -20.76 -13.36
N TRP B 15 -11.54 -19.74 -13.30
CA TRP B 15 -11.82 -18.91 -14.49
C TRP B 15 -10.92 -17.70 -14.69
N HIS B 16 -9.78 -17.64 -14.00
CA HIS B 16 -8.82 -16.53 -14.15
C HIS B 16 -7.49 -16.90 -13.49
N VAL B 17 -6.50 -17.28 -14.29
CA VAL B 17 -5.19 -17.66 -13.72
C VAL B 17 -4.05 -17.22 -14.61
N HIS B 18 -2.94 -16.85 -13.97
CA HIS B 18 -1.68 -16.58 -14.66
C HIS B 18 -0.68 -17.71 -14.34
N LEU B 19 -0.33 -18.49 -15.34
CA LEU B 19 0.65 -19.58 -15.21
C LEU B 19 2.08 -19.18 -15.53
N ARG B 20 2.27 -17.98 -16.09
CA ARG B 20 3.59 -17.56 -16.63
C ARG B 20 4.02 -18.55 -17.71
N ASP B 21 5.32 -18.80 -17.85
CA ASP B 21 5.84 -19.56 -18.98
C ASP B 21 7.27 -20.01 -18.68
N GLY B 22 7.81 -20.87 -19.53
CA GLY B 22 9.21 -21.29 -19.41
C GLY B 22 9.46 -22.18 -18.21
N ASP B 23 10.57 -21.91 -17.51
CA ASP B 23 11.02 -22.76 -16.40
C ASP B 23 10.02 -22.94 -15.24
N VAL B 24 9.19 -21.93 -14.98
CA VAL B 24 8.24 -22.00 -13.84
C VAL B 24 6.98 -22.80 -14.17
N LEU B 25 6.79 -23.14 -15.44
CA LEU B 25 5.53 -23.72 -15.89
C LEU B 25 5.24 -25.08 -15.28
N ALA B 26 6.26 -25.89 -15.02
CA ALA B 26 6.05 -27.18 -14.32
C ALA B 26 5.48 -26.98 -12.91
N ASP B 27 5.90 -25.92 -12.23
CA ASP B 27 5.41 -25.62 -10.89
C ASP B 27 4.00 -25.04 -10.90
N THR B 28 3.74 -24.09 -11.80
CA THR B 28 2.41 -23.45 -11.84
C THR B 28 1.32 -24.39 -12.38
N VAL B 29 1.67 -25.24 -13.35
CA VAL B 29 0.71 -26.20 -13.91
C VAL B 29 0.40 -27.32 -12.91
N ARG B 30 1.41 -27.74 -12.16
CA ARG B 30 1.22 -28.68 -11.05
C ARG B 30 0.17 -28.17 -10.07
N ASP B 31 0.30 -26.90 -9.67
CA ASP B 31 -0.64 -26.31 -8.70
C ASP B 31 -2.04 -26.14 -9.24
N ILE B 32 -2.17 -25.69 -10.48
CA ILE B 32 -3.50 -25.43 -11.04
C ILE B 32 -4.25 -26.70 -11.44
N SER B 33 -3.52 -27.77 -11.80
CA SER B 33 -4.15 -29.00 -12.25
C SER B 33 -4.44 -29.99 -11.13
N ARG B 34 -4.09 -29.69 -9.88
CA ARG B 34 -4.27 -30.63 -8.75
C ARG B 34 -5.68 -31.19 -8.67
N TYR B 35 -6.68 -30.30 -8.71
CA TYR B 35 -8.08 -30.71 -8.67
C TYR B 35 -9.00 -30.03 -9.69
N ASN B 36 -8.57 -28.94 -10.35
CA ASN B 36 -9.41 -28.25 -11.33
C ASN B 36 -9.63 -29.14 -12.55
N GLY B 37 -10.85 -29.15 -13.05
CA GLY B 37 -11.15 -29.72 -14.36
C GLY B 37 -10.55 -28.86 -15.47
N ARG B 38 -10.79 -27.55 -15.38
CA ARG B 38 -10.28 -26.57 -16.35
C ARG B 38 -9.81 -25.29 -15.68
N ALA B 39 -8.96 -24.55 -16.39
CA ALA B 39 -8.60 -23.20 -15.99
C ALA B 39 -8.54 -22.27 -17.20
N LEU B 40 -8.96 -21.01 -17.00
CA LEU B 40 -8.88 -19.98 -18.05
C LEU B 40 -7.52 -19.29 -17.93
N ILE B 41 -6.68 -19.46 -18.94
CA ILE B 41 -5.28 -19.04 -18.90
C ILE B 41 -5.15 -17.64 -19.47
N MET B 42 -4.76 -16.69 -18.63
CA MET B 42 -4.68 -15.28 -19.05
C MET B 42 -3.50 -15.05 -20.00
N PRO B 43 -3.65 -14.08 -20.92
CA PRO B 43 -2.70 -13.98 -22.05
C PRO B 43 -1.50 -13.02 -21.89
N ASN B 44 -1.24 -12.51 -20.68
CA ASN B 44 -0.26 -11.44 -20.50
C ASN B 44 1.15 -11.98 -20.24
N THR B 45 1.55 -12.92 -21.08
CA THR B 45 2.92 -13.41 -21.14
C THR B 45 3.76 -12.35 -21.82
N VAL B 46 5.06 -12.63 -22.03
CA VAL B 46 5.95 -11.71 -22.74
C VAL B 46 6.59 -12.46 -23.92
N PRO B 47 6.30 -12.07 -25.16
CA PRO B 47 5.25 -11.11 -25.52
C PRO B 47 3.83 -11.64 -25.24
N PRO B 48 2.83 -10.74 -25.19
CA PRO B 48 1.46 -11.21 -24.87
C PRO B 48 0.88 -12.10 -25.97
N VAL B 49 -0.06 -12.96 -25.60
CA VAL B 49 -0.71 -13.85 -26.55
C VAL B 49 -1.74 -13.04 -27.32
N THR B 50 -1.32 -12.47 -28.47
CA THR B 50 -2.21 -11.58 -29.27
C THR B 50 -2.84 -12.27 -30.49
N THR B 51 -2.44 -13.51 -30.77
CA THR B 51 -2.91 -14.26 -31.92
C THR B 51 -3.26 -15.69 -31.56
N THR B 52 -4.07 -16.31 -32.42
CA THR B 52 -4.47 -17.71 -32.26
C THR B 52 -3.25 -18.64 -32.18
N GLU B 53 -2.30 -18.43 -33.07
CA GLU B 53 -1.09 -19.27 -33.17
C GLU B 53 -0.31 -19.25 -31.86
N MET B 54 -0.13 -18.06 -31.30
CA MET B 54 0.50 -17.88 -30.00
C MET B 54 -0.26 -18.59 -28.87
N ALA B 55 -1.59 -18.51 -28.89
CA ALA B 55 -2.43 -19.16 -27.86
C ALA B 55 -2.26 -20.67 -27.89
N LEU B 56 -2.28 -21.24 -29.09
CA LEU B 56 -2.20 -22.69 -29.27
C LEU B 56 -0.82 -23.23 -28.92
N ALA B 57 0.23 -22.47 -29.25
CA ALA B 57 1.60 -22.83 -28.86
C ALA B 57 1.78 -22.83 -27.34
N TYR B 58 1.26 -21.79 -26.67
CA TYR B 58 1.29 -21.68 -25.23
C TYR B 58 0.50 -22.85 -24.56
N ARG B 59 -0.65 -23.19 -25.12
CA ARG B 59 -1.42 -24.34 -24.67
C ARG B 59 -0.62 -25.66 -24.75
N GLU B 60 0.12 -25.85 -25.83
CA GLU B 60 1.00 -27.02 -26.00
C GLU B 60 2.09 -27.07 -24.93
N ARG B 61 2.66 -25.93 -24.56
CA ARG B 61 3.69 -25.90 -23.49
C ARG B 61 3.07 -26.24 -22.13
N ILE B 62 1.86 -25.76 -21.89
CA ILE B 62 1.15 -26.09 -20.67
C ILE B 62 0.94 -27.63 -20.57
N MET B 63 0.45 -28.24 -21.64
CA MET B 63 0.20 -29.69 -21.68
C MET B 63 1.49 -30.49 -21.56
N ALA B 64 2.58 -29.97 -22.15
CA ALA B 64 3.91 -30.55 -22.03
C ALA B 64 4.48 -30.52 -20.60
N ALA B 65 4.09 -29.52 -19.81
CA ALA B 65 4.46 -29.46 -18.39
C ALA B 65 3.75 -30.53 -17.51
N GLN B 66 2.94 -31.41 -18.11
CA GLN B 66 2.39 -32.60 -17.45
C GLN B 66 1.34 -32.30 -16.38
N PRO B 67 0.19 -31.74 -16.80
CA PRO B 67 -0.93 -31.60 -15.85
C PRO B 67 -1.56 -32.94 -15.48
N GLN B 68 -2.31 -32.96 -14.38
CA GLN B 68 -3.19 -34.08 -14.09
C GLN B 68 -4.06 -34.39 -15.29
N ALA B 69 -4.30 -35.67 -15.49
CA ALA B 69 -4.97 -36.22 -16.68
C ALA B 69 -6.40 -35.72 -16.86
N HIS B 70 -7.01 -35.25 -15.77
CA HIS B 70 -8.33 -34.65 -15.82
C HIS B 70 -8.38 -33.15 -16.21
N PHE B 71 -7.25 -32.52 -16.51
CA PHE B 71 -7.18 -31.05 -16.61
C PHE B 71 -7.10 -30.58 -18.07
N GLU B 72 -7.95 -29.62 -18.43
CA GLU B 72 -7.97 -28.97 -19.74
C GLU B 72 -7.73 -27.46 -19.59
N PRO B 73 -6.65 -26.90 -20.15
CA PRO B 73 -6.52 -25.44 -20.17
C PRO B 73 -7.39 -24.82 -21.26
N LEU B 74 -8.00 -23.68 -20.97
CA LEU B 74 -8.74 -22.89 -21.96
C LEU B 74 -8.02 -21.56 -22.13
N MET B 75 -7.84 -21.11 -23.37
CA MET B 75 -7.00 -19.95 -23.64
C MET B 75 -7.83 -18.67 -23.91
N ALA B 76 -7.19 -17.53 -23.71
CA ALA B 76 -7.75 -16.22 -23.99
C ALA B 76 -6.73 -15.39 -24.79
N LEU B 77 -7.23 -14.49 -25.64
CA LEU B 77 -6.38 -13.55 -26.37
C LEU B 77 -6.22 -12.23 -25.63
N TYR B 78 -5.10 -11.58 -25.87
CA TYR B 78 -4.82 -10.23 -25.39
C TYR B 78 -5.23 -9.21 -26.47
N LEU B 79 -6.21 -8.36 -26.16
CA LEU B 79 -6.66 -7.35 -27.12
C LEU B 79 -5.72 -6.16 -27.19
N THR B 80 -5.53 -5.64 -28.40
CA THR B 80 -4.76 -4.40 -28.62
C THR B 80 -5.53 -3.51 -29.59
N ASP B 81 -5.06 -2.27 -29.78
CA ASP B 81 -5.66 -1.35 -30.74
C ASP B 81 -5.56 -1.86 -32.19
N ASN B 82 -4.51 -2.65 -32.46
CA ASN B 82 -4.32 -3.30 -33.77
C ASN B 82 -5.08 -4.62 -33.98
N THR B 83 -5.69 -5.19 -32.95
CA THR B 83 -6.45 -6.45 -33.10
C THR B 83 -7.54 -6.29 -34.15
N SER B 84 -7.55 -7.20 -35.13
CA SER B 84 -8.56 -7.21 -36.17
C SER B 84 -9.70 -8.14 -35.79
N PRO B 85 -10.92 -7.88 -36.31
CA PRO B 85 -12.02 -8.82 -36.17
C PRO B 85 -11.68 -10.24 -36.66
N GLU B 86 -10.82 -10.34 -37.68
CA GLU B 86 -10.43 -11.61 -38.26
C GLU B 86 -9.72 -12.55 -37.27
N GLU B 87 -8.88 -11.98 -36.40
CA GLU B 87 -8.19 -12.79 -35.39
C GLU B 87 -9.14 -13.40 -34.34
N ILE B 88 -10.19 -12.66 -34.01
CA ILE B 88 -11.27 -13.17 -33.13
C ILE B 88 -11.91 -14.41 -33.73
N ARG B 89 -12.20 -14.32 -35.03
CA ARG B 89 -12.90 -15.38 -35.74
C ARG B 89 -12.05 -16.65 -35.86
N LYS B 90 -10.77 -16.46 -36.12
CA LYS B 90 -9.80 -17.55 -36.18
C LYS B 90 -9.66 -18.23 -34.80
N ALA B 91 -9.58 -17.42 -33.75
CA ALA B 91 -9.39 -17.94 -32.39
C ALA B 91 -10.55 -18.80 -31.93
N LYS B 92 -11.77 -18.35 -32.17
CA LYS B 92 -12.94 -19.12 -31.76
C LYS B 92 -13.06 -20.43 -32.53
N ALA B 93 -12.72 -20.37 -33.82
CA ALA B 93 -12.73 -21.53 -34.68
C ALA B 93 -11.79 -22.68 -34.23
N SER B 94 -10.71 -22.33 -33.52
CA SER B 94 -9.77 -23.33 -32.99
C SER B 94 -10.40 -24.27 -31.95
N GLY B 95 -11.41 -23.79 -31.23
CA GLY B 95 -12.08 -24.57 -30.18
C GLY B 95 -11.36 -24.57 -28.83
N LYS B 96 -10.19 -23.94 -28.77
CA LYS B 96 -9.40 -23.87 -27.55
C LYS B 96 -9.24 -22.46 -26.99
N VAL B 97 -9.71 -21.43 -27.70
CA VAL B 97 -9.69 -20.05 -27.25
C VAL B 97 -11.16 -19.62 -27.06
N VAL B 98 -11.53 -19.30 -25.82
CA VAL B 98 -12.93 -19.05 -25.46
C VAL B 98 -13.23 -17.58 -25.11
N ALA B 99 -12.19 -16.75 -25.03
CA ALA B 99 -12.37 -15.37 -24.53
C ALA B 99 -11.26 -14.47 -25.03
N ALA B 100 -11.50 -13.16 -24.93
CA ALA B 100 -10.45 -12.16 -25.15
C ALA B 100 -10.49 -11.14 -24.03
N KCX B 101 -9.30 -10.74 -23.62
CA KCX B 101 -9.09 -9.90 -22.45
CB KCX B 101 -7.90 -10.54 -21.74
CG KCX B 101 -7.53 -9.86 -20.43
CD KCX B 101 -8.64 -10.04 -19.41
CE KCX B 101 -8.15 -9.57 -18.07
NZ KCX B 101 -7.10 -10.45 -17.56
C KCX B 101 -8.77 -8.49 -22.84
O KCX B 101 -7.84 -8.24 -23.64
CX KCX B 101 -6.47 -10.16 -16.43
OQ1 KCX B 101 -5.56 -10.82 -15.93
OQ2 KCX B 101 -6.83 -9.03 -15.83
N LEU B 102 -9.49 -7.56 -22.26
CA LEU B 102 -9.28 -6.13 -22.41
C LEU B 102 -8.47 -5.63 -21.21
N TYR B 103 -7.20 -5.30 -21.44
CA TYR B 103 -6.33 -4.63 -20.47
C TYR B 103 -6.23 -3.17 -20.92
N PRO B 104 -6.73 -2.22 -20.10
CA PRO B 104 -6.57 -0.80 -20.47
C PRO B 104 -5.12 -0.31 -20.44
N ALA B 105 -4.79 0.63 -21.32
CA ALA B 105 -3.44 1.16 -21.44
C ALA B 105 -3.50 2.66 -21.70
N GLY B 106 -2.42 3.37 -21.41
CA GLY B 106 -2.34 4.81 -21.69
C GLY B 106 -2.16 5.08 -23.18
N ASN B 110 5.69 4.91 -23.96
CA ASN B 110 6.22 4.12 -22.86
C ASN B 110 5.14 3.31 -22.11
N SER B 111 3.88 3.66 -22.28
CA SER B 111 2.79 2.93 -21.61
C SER B 111 2.68 1.50 -22.15
N ASP B 112 2.10 0.62 -21.35
CA ASP B 112 2.01 -0.82 -21.68
C ASP B 112 1.20 -1.08 -22.95
N SER B 113 1.33 -2.29 -23.49
CA SER B 113 0.48 -2.75 -24.58
C SER B 113 -0.93 -2.94 -24.04
N GLY B 114 -1.90 -2.84 -24.93
CA GLY B 114 -3.31 -2.95 -24.57
C GLY B 114 -4.17 -2.02 -25.41
N VAL B 115 -5.37 -1.75 -24.92
CA VAL B 115 -6.34 -0.92 -25.61
C VAL B 115 -6.29 0.47 -25.00
N THR B 116 -5.89 1.46 -25.79
CA THR B 116 -5.88 2.86 -25.37
C THR B 116 -7.29 3.45 -25.36
N SER B 117 -8.12 3.08 -26.33
CA SER B 117 -9.49 3.54 -26.43
C SER B 117 -10.41 2.38 -26.78
N ALA B 118 -11.48 2.23 -25.99
CA ALA B 118 -12.52 1.21 -26.25
C ALA B 118 -13.12 1.33 -27.67
N LYS B 119 -13.31 2.57 -28.13
CA LYS B 119 -13.79 2.87 -29.50
C LYS B 119 -13.00 2.17 -30.62
N ASN B 120 -11.69 2.05 -30.44
CA ASN B 120 -10.82 1.40 -31.46
C ASN B 120 -11.15 -0.08 -31.69
N ILE B 121 -11.67 -0.77 -30.67
CA ILE B 121 -11.94 -2.21 -30.76
C ILE B 121 -13.43 -2.56 -30.95
N TYR B 122 -14.26 -1.58 -31.29
CA TYR B 122 -15.68 -1.86 -31.52
C TYR B 122 -15.97 -2.95 -32.57
N PRO B 123 -15.24 -2.93 -33.71
CA PRO B 123 -15.35 -4.02 -34.69
C PRO B 123 -14.94 -5.38 -34.15
N VAL B 124 -13.97 -5.40 -33.24
CA VAL B 124 -13.55 -6.62 -32.54
C VAL B 124 -14.68 -7.12 -31.63
N LEU B 125 -15.27 -6.23 -30.86
CA LEU B 125 -16.35 -6.60 -29.94
C LEU B 125 -17.58 -7.12 -30.68
N GLN B 126 -17.85 -6.54 -31.85
CA GLN B 126 -18.92 -7.00 -32.71
C GLN B 126 -18.65 -8.45 -33.16
N ALA B 127 -17.44 -8.71 -33.63
CA ALA B 127 -17.03 -10.07 -34.02
C ALA B 127 -17.12 -11.06 -32.84
N MET B 128 -16.74 -10.62 -31.65
CA MET B 128 -16.83 -11.46 -30.45
C MET B 128 -18.30 -11.82 -30.11
N GLN B 129 -19.18 -10.82 -30.16
CA GLN B 129 -20.63 -10.99 -29.97
C GLN B 129 -21.14 -12.09 -30.93
N GLU B 130 -20.82 -11.93 -32.21
CA GLU B 130 -21.26 -12.84 -33.29
C GLU B 130 -20.84 -14.29 -33.10
N VAL B 131 -19.60 -14.52 -32.68
CA VAL B 131 -19.08 -15.90 -32.51
C VAL B 131 -19.27 -16.48 -31.09
N GLY B 132 -19.76 -15.69 -30.15
CA GLY B 132 -19.93 -16.15 -28.76
C GLY B 132 -18.64 -16.26 -27.96
N MET B 133 -17.65 -15.42 -28.29
CA MET B 133 -16.44 -15.29 -27.49
C MET B 133 -16.74 -14.31 -26.37
N LEU B 134 -16.31 -14.66 -25.14
CA LEU B 134 -16.52 -13.80 -23.98
C LEU B 134 -15.48 -12.68 -23.93
N LEU B 135 -15.94 -11.50 -23.52
CA LEU B 135 -15.03 -10.38 -23.22
C LEU B 135 -14.75 -10.38 -21.74
N LEU B 136 -13.47 -10.52 -21.40
CA LEU B 136 -13.00 -10.43 -20.03
C LEU B 136 -12.41 -9.04 -19.88
N VAL B 137 -12.78 -8.34 -18.82
CA VAL B 137 -12.33 -6.96 -18.59
C VAL B 137 -11.60 -6.82 -17.25
N HIS B 138 -10.36 -6.36 -17.31
CA HIS B 138 -9.64 -5.82 -16.15
C HIS B 138 -10.14 -4.38 -16.01
N GLY B 139 -11.08 -4.16 -15.11
CA GLY B 139 -11.83 -2.90 -15.05
C GLY B 139 -11.16 -1.81 -14.24
N GLU B 140 -10.12 -1.21 -14.82
CA GLU B 140 -9.41 -0.08 -14.20
C GLU B 140 -8.96 0.91 -15.28
N VAL B 141 -9.24 2.20 -15.07
CA VAL B 141 -8.65 3.26 -15.91
C VAL B 141 -7.21 3.49 -15.46
N THR B 142 -6.40 4.12 -16.31
CA THR B 142 -4.97 4.35 -16.03
C THR B 142 -4.62 5.84 -15.99
N THR B 143 -5.62 6.70 -15.91
CA THR B 143 -5.42 8.15 -15.93
C THR B 143 -4.61 8.60 -14.71
N HIS B 144 -3.58 9.41 -14.96
CA HIS B 144 -2.72 9.96 -13.90
C HIS B 144 -3.49 10.72 -12.82
N GLU B 145 -4.54 11.43 -13.23
CA GLU B 145 -5.41 12.19 -12.31
C GLU B 145 -6.24 11.34 -11.32
N VAL B 146 -6.43 10.06 -11.59
CA VAL B 146 -7.31 9.21 -10.77
C VAL B 146 -6.53 8.41 -9.72
N ASP B 147 -6.94 8.56 -8.47
CA ASP B 147 -6.39 7.83 -7.35
C ASP B 147 -6.55 6.31 -7.55
N ILE B 148 -5.52 5.56 -7.18
CA ILE B 148 -5.47 4.10 -7.43
C ILE B 148 -6.67 3.34 -6.86
N PHE B 149 -7.16 3.73 -5.68
CA PHE B 149 -8.31 3.07 -5.06
C PHE B 149 -9.65 3.43 -5.74
N ASP B 150 -9.65 4.50 -6.55
CA ASP B 150 -10.83 4.93 -7.30
C ASP B 150 -10.89 4.47 -8.74
N ARG B 151 -9.87 3.73 -9.19
CA ARG B 151 -9.76 3.38 -10.60
CA ARG B 151 -9.76 3.38 -10.61
C ARG B 151 -10.86 2.42 -11.09
N GLU B 152 -11.25 1.49 -10.22
CA GLU B 152 -12.31 0.52 -10.55
C GLU B 152 -13.66 1.22 -10.73
N LYS B 153 -14.04 2.04 -9.75
CA LYS B 153 -15.30 2.78 -9.80
C LYS B 153 -15.34 3.70 -11.03
N THR B 154 -14.24 4.39 -11.30
CA THR B 154 -14.14 5.29 -12.48
C THR B 154 -14.33 4.55 -13.80
N PHE B 155 -13.75 3.36 -13.88
CA PHE B 155 -13.89 2.49 -15.04
C PHE B 155 -15.34 2.09 -15.30
N LEU B 156 -16.08 1.77 -14.24
CA LEU B 156 -17.45 1.31 -14.39
C LEU B 156 -18.30 2.37 -15.09
N ASP B 157 -18.12 3.62 -14.66
CA ASP B 157 -18.88 4.74 -15.19
C ASP B 157 -18.44 5.14 -16.60
N THR B 158 -17.13 5.31 -16.81
CA THR B 158 -16.62 5.88 -18.07
C THR B 158 -16.48 4.88 -19.22
N VAL B 159 -16.13 3.63 -18.93
CA VAL B 159 -15.79 2.66 -19.98
C VAL B 159 -16.78 1.50 -20.07
N LEU B 160 -17.03 0.82 -18.94
CA LEU B 160 -17.81 -0.42 -18.96
C LEU B 160 -19.27 -0.18 -19.30
N ALA B 161 -19.89 0.83 -18.69
CA ALA B 161 -21.32 1.07 -18.93
C ALA B 161 -21.63 1.35 -20.43
N PRO B 162 -20.85 2.22 -21.10
CA PRO B 162 -21.03 2.38 -22.55
C PRO B 162 -20.89 1.09 -23.38
N ILE B 163 -19.91 0.25 -23.04
CA ILE B 163 -19.74 -1.03 -23.73
C ILE B 163 -20.96 -1.96 -23.53
N VAL B 164 -21.39 -2.12 -22.28
CA VAL B 164 -22.56 -2.94 -21.97
C VAL B 164 -23.78 -2.44 -22.73
N ASN B 165 -23.96 -1.12 -22.75
CA ASN B 165 -25.03 -0.46 -23.49
C ASN B 165 -25.01 -0.72 -25.00
N ASP B 166 -23.81 -0.79 -25.59
CA ASP B 166 -23.64 -0.99 -27.02
C ASP B 166 -23.67 -2.46 -27.48
N PHE B 167 -23.38 -3.40 -26.58
CA PHE B 167 -23.26 -4.82 -26.93
C PHE B 167 -24.09 -5.72 -26.01
N PRO B 168 -25.43 -5.65 -26.13
CA PRO B 168 -26.32 -6.35 -25.20
C PRO B 168 -26.30 -7.89 -25.27
N GLN B 169 -25.81 -8.47 -26.36
CA GLN B 169 -25.70 -9.93 -26.49
C GLN B 169 -24.27 -10.44 -26.35
N LEU B 170 -23.35 -9.56 -26.00
CA LEU B 170 -21.95 -9.94 -25.75
C LEU B 170 -21.86 -10.37 -24.29
N LYS B 171 -21.35 -11.57 -24.05
CA LYS B 171 -21.05 -12.02 -22.70
C LYS B 171 -19.79 -11.33 -22.18
N ILE B 172 -19.93 -10.66 -21.04
CA ILE B 172 -18.88 -9.84 -20.48
C ILE B 172 -18.66 -10.29 -19.04
N VAL B 173 -17.41 -10.62 -18.72
CA VAL B 173 -17.02 -10.90 -17.36
C VAL B 173 -16.19 -9.73 -16.85
N LEU B 174 -16.65 -9.13 -15.77
CA LEU B 174 -15.84 -8.18 -15.03
C LEU B 174 -14.93 -8.99 -14.11
N GLU B 175 -13.64 -9.06 -14.45
CA GLU B 175 -12.73 -9.92 -13.72
C GLU B 175 -12.40 -9.37 -12.34
N HIS B 176 -12.07 -10.26 -11.41
CA HIS B 176 -11.62 -9.90 -10.08
C HIS B 176 -12.20 -8.58 -9.55
N ILE B 177 -13.50 -8.58 -9.26
CA ILE B 177 -14.13 -7.39 -8.71
C ILE B 177 -13.65 -7.16 -7.28
N THR B 178 -13.53 -5.89 -6.90
CA THR B 178 -12.93 -5.51 -5.61
C THR B 178 -13.75 -4.54 -4.79
N THR B 179 -14.87 -4.03 -5.33
CA THR B 179 -15.64 -2.98 -4.69
C THR B 179 -17.12 -3.31 -4.65
N ALA B 180 -17.79 -2.76 -3.66
CA ALA B 180 -19.26 -2.77 -3.61
C ALA B 180 -19.87 -2.11 -4.84
N ASP B 181 -19.16 -1.13 -5.41
CA ASP B 181 -19.61 -0.46 -6.65
C ASP B 181 -19.72 -1.47 -7.81
N ALA B 182 -18.71 -2.32 -7.95
CA ALA B 182 -18.73 -3.37 -8.98
C ALA B 182 -19.79 -4.46 -8.67
N VAL B 183 -19.94 -4.83 -7.41
CA VAL B 183 -21.00 -5.79 -7.01
C VAL B 183 -22.38 -5.30 -7.48
N THR B 184 -22.67 -4.03 -7.18
CA THR B 184 -23.95 -3.44 -7.53
C THR B 184 -24.12 -3.34 -9.05
N PHE B 185 -23.06 -2.92 -9.74
CA PHE B 185 -23.08 -2.84 -11.20
C PHE B 185 -23.48 -4.18 -11.82
N VAL B 186 -22.80 -5.24 -11.40
CA VAL B 186 -23.04 -6.58 -11.94
C VAL B 186 -24.46 -7.06 -11.63
N GLN B 187 -24.89 -6.87 -10.38
CA GLN B 187 -26.26 -7.24 -9.98
C GLN B 187 -27.34 -6.52 -10.78
N GLN B 188 -27.08 -5.27 -11.17
CA GLN B 188 -28.05 -4.45 -11.89
C GLN B 188 -27.91 -4.52 -13.40
N ALA B 189 -26.78 -5.03 -13.91
CA ALA B 189 -26.65 -5.24 -15.34
C ALA B 189 -27.47 -6.48 -15.74
N GLY B 190 -27.58 -6.72 -17.03
CA GLY B 190 -28.42 -7.81 -17.52
C GLY B 190 -27.84 -9.20 -17.33
N ASP B 191 -28.50 -10.18 -17.94
CA ASP B 191 -28.03 -11.57 -17.94
C ASP B 191 -26.68 -11.79 -18.65
N ASN B 192 -26.22 -10.83 -19.45
CA ASN B 192 -24.95 -10.97 -20.19
C ASN B 192 -23.70 -10.49 -19.42
N VAL B 193 -23.87 -10.11 -18.15
CA VAL B 193 -22.78 -9.59 -17.33
C VAL B 193 -22.62 -10.44 -16.08
N ALA B 194 -21.39 -10.85 -15.85
CA ALA B 194 -21.03 -11.63 -14.67
C ALA B 194 -19.65 -11.15 -14.18
N ALA B 195 -19.17 -11.75 -13.10
CA ALA B 195 -17.88 -11.37 -12.53
C ALA B 195 -17.21 -12.51 -11.78
N THR B 196 -15.88 -12.44 -11.75
CA THR B 196 -15.08 -13.35 -10.95
C THR B 196 -14.64 -12.66 -9.66
N ILE B 197 -14.46 -13.48 -8.61
CA ILE B 197 -14.01 -12.98 -7.31
C ILE B 197 -12.82 -13.85 -6.87
N THR B 198 -11.73 -13.20 -6.48
CA THR B 198 -10.52 -13.90 -6.05
C THR B 198 -10.67 -14.37 -4.61
N ALA B 199 -9.82 -15.31 -4.20
CA ALA B 199 -9.77 -15.71 -2.80
C ALA B 199 -9.18 -14.62 -1.92
N HIS B 200 -8.16 -13.94 -2.44
CA HIS B 200 -7.46 -12.94 -1.64
C HIS B 200 -8.27 -11.69 -1.38
N HIS B 201 -9.09 -11.24 -2.33
CA HIS B 201 -9.98 -10.08 -2.07
C HIS B 201 -11.13 -10.47 -1.13
N LEU B 202 -11.41 -11.76 -0.95
CA LEU B 202 -12.39 -12.21 0.05
C LEU B 202 -11.80 -12.31 1.45
N LEU B 203 -10.56 -12.77 1.54
CA LEU B 203 -9.94 -12.98 2.84
C LEU B 203 -9.29 -11.75 3.41
N PHE B 204 -8.82 -10.84 2.55
CA PHE B 204 -8.03 -9.70 3.00
C PHE B 204 -8.59 -8.35 2.53
N ASN B 205 -8.10 -7.29 3.14
CA ASN B 205 -8.38 -5.92 2.73
C ASN B 205 -7.05 -5.18 2.80
N ARG B 206 -7.03 -3.89 2.50
CA ARG B 206 -5.77 -3.13 2.38
C ARG B 206 -4.95 -3.05 3.68
N ASN B 207 -5.60 -3.24 4.83
CA ASN B 207 -4.91 -3.28 6.12
C ASN B 207 -3.92 -4.45 6.22
N HIS B 208 -4.24 -5.58 5.62
CA HIS B 208 -3.31 -6.73 5.63
C HIS B 208 -2.01 -6.38 4.88
N MET B 209 -2.09 -5.50 3.88
CA MET B 209 -0.90 -5.07 3.12
C MET B 209 -0.05 -4.00 3.81
N LEU B 210 -0.65 -3.21 4.71
CA LEU B 210 -0.04 -1.95 5.19
C LEU B 210 0.10 -1.73 6.71
N VAL B 211 -0.65 -2.47 7.52
CA VAL B 211 -0.62 -2.31 8.97
C VAL B 211 0.56 -3.10 9.56
N GLY B 212 1.38 -2.44 10.38
CA GLY B 212 2.49 -3.10 11.07
C GLY B 212 3.66 -3.46 10.17
N GLY B 213 3.76 -2.81 9.01
CA GLY B 213 4.76 -3.18 7.99
C GLY B 213 4.13 -3.29 6.64
N ILE B 214 4.91 -3.02 5.59
CA ILE B 214 4.46 -3.15 4.22
C ILE B 214 4.72 -4.59 3.69
N ARG B 215 3.68 -5.22 3.13
CA ARG B 215 3.72 -6.63 2.75
C ARG B 215 3.43 -6.79 1.28
N PRO B 216 4.49 -6.81 0.44
CA PRO B 216 4.27 -6.84 -1.01
C PRO B 216 3.65 -8.14 -1.55
N HIS B 217 3.70 -9.24 -0.79
CA HIS B 217 3.03 -10.48 -1.22
C HIS B 217 1.50 -10.35 -1.18
N PHE B 218 0.98 -9.33 -0.49
CA PHE B 218 -0.42 -8.92 -0.60
C PHE B 218 -0.70 -7.88 -1.69
N TYR B 219 0.35 -7.34 -2.33
CA TYR B 219 0.19 -6.33 -3.38
C TYR B 219 -0.19 -6.96 -4.73
N CYS B 220 -1.34 -6.53 -5.25
CA CYS B 220 -1.92 -7.05 -6.48
C CYS B 220 -2.71 -5.93 -7.12
N LEU B 221 -3.06 -6.09 -8.39
CA LEU B 221 -3.98 -5.21 -9.09
C LEU B 221 -5.21 -6.01 -9.57
N PRO B 222 -6.44 -5.49 -9.41
CA PRO B 222 -6.72 -4.26 -8.68
C PRO B 222 -6.38 -4.42 -7.18
N ILE B 223 -6.05 -3.28 -6.59
CA ILE B 223 -5.50 -3.21 -5.26
C ILE B 223 -6.54 -3.62 -4.22
N LEU B 224 -6.09 -4.28 -3.16
CA LEU B 224 -6.94 -4.54 -1.99
C LEU B 224 -7.57 -3.23 -1.53
N LYS B 225 -8.86 -3.29 -1.21
CA LYS B 225 -9.65 -2.12 -0.87
C LYS B 225 -9.98 -2.15 0.63
N ARG B 226 -10.74 -1.15 1.08
CA ARG B 226 -11.28 -1.10 2.44
C ARG B 226 -12.05 -2.35 2.84
N ALA B 227 -12.10 -2.60 4.14
CA ALA B 227 -12.89 -3.69 4.72
C ALA B 227 -14.37 -3.66 4.31
N THR B 228 -14.96 -2.48 4.17
CA THR B 228 -16.37 -2.39 3.76
C THR B 228 -16.58 -2.97 2.36
N HIS B 229 -15.62 -2.76 1.46
CA HIS B 229 -15.67 -3.37 0.13
C HIS B 229 -15.48 -4.90 0.18
N GLN B 230 -14.51 -5.36 0.96
CA GLN B 230 -14.33 -6.80 1.21
C GLN B 230 -15.64 -7.49 1.68
N HIS B 231 -16.35 -6.85 2.60
CA HIS B 231 -17.60 -7.40 3.13
C HIS B 231 -18.68 -7.55 2.04
N ALA B 232 -18.75 -6.60 1.11
CA ALA B 232 -19.66 -6.71 -0.03
C ALA B 232 -19.31 -7.87 -0.97
N LEU B 233 -18.02 -8.12 -1.14
CA LEU B 233 -17.55 -9.25 -1.97
C LEU B 233 -17.91 -10.61 -1.34
N VAL B 234 -17.73 -10.70 -0.04
CA VAL B 234 -18.06 -11.92 0.71
C VAL B 234 -19.55 -12.23 0.58
N ALA B 235 -20.38 -11.19 0.73
CA ALA B 235 -21.83 -11.33 0.57
C ALA B 235 -22.19 -11.78 -0.86
N ALA B 236 -21.54 -11.18 -1.85
CA ALA B 236 -21.77 -11.57 -3.24
C ALA B 236 -21.39 -13.02 -3.48
N ALA B 237 -20.15 -13.38 -3.14
CA ALA B 237 -19.62 -14.72 -3.39
C ALA B 237 -20.44 -15.80 -2.71
N THR B 238 -20.76 -15.61 -1.43
CA THR B 238 -21.48 -16.63 -0.64
C THR B 238 -22.98 -16.66 -0.86
N SER B 239 -23.52 -15.72 -1.62
CA SER B 239 -24.93 -15.78 -2.04
C SER B 239 -25.17 -16.95 -3.00
N GLY B 240 -24.13 -17.37 -3.73
CA GLY B 240 -24.25 -18.42 -4.73
C GLY B 240 -24.82 -17.91 -6.04
N SER B 241 -25.21 -16.62 -6.09
CA SER B 241 -25.83 -16.01 -7.26
C SER B 241 -25.09 -16.40 -8.52
N LYS B 242 -25.86 -16.64 -9.58
CA LYS B 242 -25.30 -17.09 -10.86
C LYS B 242 -24.32 -16.09 -11.49
N LYS B 243 -24.37 -14.84 -11.07
CA LYS B 243 -23.52 -13.79 -11.63
C LYS B 243 -22.09 -13.78 -11.07
N PHE B 244 -21.79 -14.61 -10.04
CA PHE B 244 -20.48 -14.59 -9.40
C PHE B 244 -19.88 -15.99 -9.41
N PHE B 245 -18.64 -16.11 -9.86
CA PHE B 245 -17.95 -17.40 -9.90
C PHE B 245 -16.46 -17.30 -9.61
N LEU B 246 -15.82 -18.46 -9.48
CA LEU B 246 -14.49 -18.58 -8.98
C LEU B 246 -13.47 -18.20 -10.04
N GLY B 247 -12.61 -17.26 -9.70
CA GLY B 247 -11.48 -16.86 -10.56
C GLY B 247 -10.42 -16.37 -9.61
N THR B 248 -9.33 -17.12 -9.46
CA THR B 248 -8.33 -16.79 -8.44
C THR B 248 -7.51 -15.54 -8.72
N ASP B 249 -7.25 -15.26 -9.99
CA ASP B 249 -6.17 -14.32 -10.39
C ASP B 249 -4.84 -14.61 -9.68
N SER B 250 -4.53 -15.90 -9.52
CA SER B 250 -3.27 -16.31 -8.95
C SER B 250 -2.19 -15.84 -9.94
N ALA B 251 -1.21 -15.12 -9.44
CA ALA B 251 -0.26 -14.35 -10.26
C ALA B 251 1.11 -14.34 -9.62
N PRO B 252 1.87 -15.45 -9.74
CA PRO B 252 3.14 -15.56 -9.02
C PRO B 252 4.28 -14.78 -9.64
N HIS B 253 5.13 -14.22 -8.80
CA HIS B 253 6.43 -13.69 -9.20
C HIS B 253 7.46 -14.19 -8.21
N ALA B 254 8.71 -14.23 -8.66
CA ALA B 254 9.83 -14.60 -7.80
C ALA B 254 9.92 -13.68 -6.62
N LYS B 255 10.32 -14.25 -5.47
CA LYS B 255 10.49 -13.50 -4.23
C LYS B 255 11.27 -12.20 -4.41
N GLY B 256 12.41 -12.28 -5.09
CA GLY B 256 13.26 -11.12 -5.39
C GLY B 256 12.61 -9.99 -6.21
N ARG B 257 11.67 -10.32 -7.07
CA ARG B 257 10.91 -9.29 -7.82
C ARG B 257 9.75 -8.69 -7.01
N LYS B 258 9.32 -9.40 -5.96
CA LYS B 258 8.28 -8.90 -5.05
C LYS B 258 8.89 -7.98 -3.99
N GLU B 259 10.04 -8.39 -3.45
CA GLU B 259 10.69 -7.70 -2.34
C GLU B 259 11.81 -6.83 -2.91
N ALA B 260 11.43 -5.70 -3.50
CA ALA B 260 12.36 -4.83 -4.23
C ALA B 260 11.95 -3.37 -4.11
N ALA B 261 12.81 -2.48 -4.59
CA ALA B 261 12.54 -1.04 -4.55
C ALA B 261 11.23 -0.72 -5.25
N CSX B 262 10.96 -1.43 -6.34
CA CSX B 262 9.66 -1.40 -7.03
CB CSX B 262 9.84 -0.62 -8.33
SG CSX B 262 8.33 -0.44 -9.09
C CSX B 262 9.22 -2.83 -7.23
O CSX B 262 9.74 -3.51 -8.08
OD CSX B 262 8.45 -0.23 -10.58
N GLY B 263 8.28 -3.30 -6.41
CA GLY B 263 7.84 -4.69 -6.40
C GLY B 263 6.68 -4.94 -7.36
N CSX B 264 6.69 -6.11 -8.00
CA CSX B 264 5.66 -6.49 -8.95
CB CSX B 264 6.10 -7.73 -9.73
SG CSX B 264 7.51 -7.43 -10.68
C CSX B 264 4.33 -6.79 -8.28
O CSX B 264 4.28 -7.29 -7.16
OD CSX B 264 7.27 -6.47 -11.83
N ALA B 265 3.25 -6.47 -8.98
CA ALA B 265 1.89 -6.83 -8.57
C ALA B 265 1.60 -8.31 -8.82
N GLY B 266 1.00 -8.97 -7.85
CA GLY B 266 0.52 -10.36 -7.99
C GLY B 266 0.62 -11.17 -6.71
N SER B 267 -0.49 -11.80 -6.30
CA SER B 267 -0.53 -12.71 -5.15
C SER B 267 -0.70 -14.15 -5.62
N TYR B 268 -0.08 -15.09 -4.92
CA TYR B 268 -0.10 -16.50 -5.31
C TYR B 268 -0.99 -17.34 -4.40
N THR B 269 -2.11 -17.80 -4.96
CA THR B 269 -3.09 -18.62 -4.24
C THR B 269 -3.39 -19.99 -4.88
N ALA B 270 -2.78 -20.31 -6.02
CA ALA B 270 -3.07 -21.55 -6.75
C ALA B 270 -2.69 -22.80 -5.97
N HIS B 271 -1.73 -22.68 -5.05
CA HIS B 271 -1.37 -23.80 -4.14
C HIS B 271 -2.51 -24.25 -3.22
N ALA B 272 -3.50 -23.39 -2.95
CA ALA B 272 -4.55 -23.73 -1.97
C ALA B 272 -5.87 -22.98 -2.18
N ALA B 273 -6.21 -22.72 -3.44
CA ALA B 273 -7.29 -21.77 -3.78
C ALA B 273 -8.66 -22.21 -3.21
N LEU B 274 -9.13 -23.40 -3.59
CA LEU B 274 -10.45 -23.87 -3.14
C LEU B 274 -10.52 -24.03 -1.61
N GLU B 275 -9.40 -24.45 -1.01
CA GLU B 275 -9.24 -24.52 0.42
C GLU B 275 -9.44 -23.15 1.07
N LEU B 276 -8.83 -22.11 0.49
CA LEU B 276 -9.05 -20.72 0.97
C LEU B 276 -10.50 -20.26 0.81
N TYR B 277 -11.11 -20.55 -0.35
CA TYR B 277 -12.51 -20.22 -0.56
C TYR B 277 -13.42 -20.96 0.46
N ALA B 278 -13.11 -22.22 0.74
CA ALA B 278 -13.87 -22.99 1.71
C ALA B 278 -13.90 -22.33 3.11
N GLU B 279 -12.77 -21.80 3.55
CA GLU B 279 -12.71 -21.04 4.81
C GLU B 279 -13.66 -19.85 4.84
N VAL B 280 -13.75 -19.12 3.72
CA VAL B 280 -14.66 -17.95 3.62
C VAL B 280 -16.12 -18.43 3.73
N PHE B 281 -16.46 -19.45 2.95
CA PHE B 281 -17.82 -19.96 2.92
C PHE B 281 -18.24 -20.58 4.25
N GLU B 282 -17.29 -21.29 4.89
CA GLU B 282 -17.54 -21.88 6.20
C GLU B 282 -17.78 -20.84 7.29
N LYS B 283 -16.91 -19.83 7.33
CA LYS B 283 -17.01 -18.71 8.27
C LYS B 283 -18.36 -18.00 8.13
N GLU B 284 -18.86 -17.88 6.89
CA GLU B 284 -20.16 -17.29 6.62
C GLU B 284 -21.33 -18.20 6.80
N GLY B 285 -21.08 -19.48 7.11
CA GLY B 285 -22.14 -20.46 7.33
C GLY B 285 -22.88 -20.81 6.06
N LYS B 286 -22.16 -20.80 4.93
CA LYS B 286 -22.75 -20.94 3.62
C LYS B 286 -22.03 -21.96 2.74
N LEU B 287 -21.52 -23.03 3.37
CA LEU B 287 -20.84 -24.09 2.63
C LEU B 287 -21.68 -24.71 1.53
N GLU B 288 -23.00 -24.76 1.73
CA GLU B 288 -23.92 -25.22 0.70
C GLU B 288 -23.87 -24.49 -0.65
N ASN B 289 -23.37 -23.24 -0.68
CA ASN B 289 -23.27 -22.43 -1.89
C ASN B 289 -21.92 -22.48 -2.54
N LEU B 290 -20.98 -23.21 -1.96
CA LEU B 290 -19.62 -23.27 -2.50
C LEU B 290 -19.59 -23.96 -3.87
N GLU B 291 -20.33 -25.05 -4.00
CA GLU B 291 -20.34 -25.83 -5.25
C GLU B 291 -20.82 -25.00 -6.43
N ALA B 292 -21.88 -24.21 -6.24
CA ALA B 292 -22.36 -23.34 -7.30
C ALA B 292 -21.30 -22.32 -7.75
N PHE B 293 -20.70 -21.65 -6.78
CA PHE B 293 -19.64 -20.65 -7.03
C PHE B 293 -18.42 -21.25 -7.72
N ALA B 294 -17.98 -22.42 -7.22
CA ALA B 294 -16.75 -23.06 -7.67
C ALA B 294 -16.89 -23.96 -8.91
N SER B 295 -18.06 -24.56 -9.09
CA SER B 295 -18.25 -25.63 -10.07
C SER B 295 -19.40 -25.50 -11.08
N PHE B 296 -20.38 -24.60 -10.85
CA PHE B 296 -21.55 -24.51 -11.73
C PHE B 296 -21.63 -23.16 -12.48
N ASN B 297 -21.44 -22.04 -11.78
CA ASN B 297 -21.79 -20.71 -12.32
C ASN B 297 -20.92 -20.31 -13.52
N GLY B 298 -19.62 -20.58 -13.43
CA GLY B 298 -18.68 -20.25 -14.51
C GLY B 298 -18.95 -21.02 -15.78
N PRO B 299 -18.98 -22.37 -15.70
CA PRO B 299 -19.30 -23.15 -16.90
C PRO B 299 -20.66 -22.78 -17.52
N ASP B 300 -21.68 -22.59 -16.69
CA ASP B 300 -22.99 -22.16 -17.16
C ASP B 300 -22.88 -20.81 -17.92
N PHE B 301 -22.15 -19.84 -17.37
CA PHE B 301 -22.00 -18.53 -18.03
C PHE B 301 -21.17 -18.61 -19.32
N TYR B 302 -20.08 -19.38 -19.28
CA TYR B 302 -19.27 -19.61 -20.48
C TYR B 302 -19.98 -20.51 -21.52
N GLY B 303 -21.06 -21.18 -21.15
CA GLY B 303 -21.76 -22.07 -22.05
C GLY B 303 -21.05 -23.40 -22.25
N LEU B 304 -20.33 -23.86 -21.22
CA LEU B 304 -19.55 -25.10 -21.28
C LEU B 304 -20.16 -26.11 -20.31
N PRO B 305 -19.94 -27.42 -20.53
CA PRO B 305 -20.50 -28.40 -19.58
C PRO B 305 -19.84 -28.34 -18.20
N ARG B 306 -20.60 -28.69 -17.18
CA ARG B 306 -20.05 -28.93 -15.85
C ARG B 306 -19.21 -30.22 -15.81
N ASN B 307 -18.26 -30.28 -14.87
CA ASN B 307 -17.50 -31.48 -14.62
C ASN B 307 -18.41 -32.57 -14.04
N GLN B 308 -18.13 -33.82 -14.36
CA GLN B 308 -18.95 -34.96 -13.93
C GLN B 308 -18.34 -35.76 -12.77
N GLU B 309 -17.14 -35.38 -12.36
CA GLU B 309 -16.41 -36.04 -11.28
C GLU B 309 -16.57 -35.16 -10.03
N THR B 310 -16.20 -35.70 -8.88
CA THR B 310 -16.30 -34.97 -7.62
C THR B 310 -14.95 -34.80 -6.97
N VAL B 311 -14.86 -33.82 -6.08
CA VAL B 311 -13.73 -33.66 -5.17
C VAL B 311 -14.27 -33.66 -3.75
N THR B 312 -13.40 -34.02 -2.80
CA THR B 312 -13.77 -34.05 -1.40
C THR B 312 -12.96 -33.03 -0.62
N LEU B 313 -13.67 -32.16 0.10
CA LEU B 313 -13.08 -31.14 0.98
C LEU B 313 -13.13 -31.74 2.40
N THR B 314 -12.01 -31.73 3.09
CA THR B 314 -11.88 -32.26 4.44
C THR B 314 -11.40 -31.14 5.35
N LYS B 315 -12.07 -30.98 6.49
CA LYS B 315 -11.72 -29.99 7.49
C LYS B 315 -10.51 -30.49 8.29
N GLN B 316 -9.33 -30.06 7.86
CA GLN B 316 -8.07 -30.49 8.43
C GLN B 316 -7.03 -29.41 8.20
N ALA B 317 -6.36 -28.97 9.26
CA ALA B 317 -5.39 -27.89 9.16
C ALA B 317 -4.04 -28.42 8.72
N TRP B 318 -3.36 -27.66 7.87
CA TRP B 318 -2.02 -28.00 7.47
C TRP B 318 -1.17 -26.73 7.29
N PRO B 319 0.12 -26.79 7.68
CA PRO B 319 1.02 -25.64 7.55
C PRO B 319 1.49 -25.43 6.12
N VAL B 320 1.57 -24.16 5.71
CA VAL B 320 2.05 -23.78 4.38
C VAL B 320 3.53 -23.41 4.52
N ALA B 321 4.35 -23.85 3.58
CA ALA B 321 5.79 -23.55 3.62
C ALA B 321 6.06 -22.06 3.44
N GLU B 322 7.19 -21.59 3.98
CA GLU B 322 7.60 -20.18 3.83
C GLU B 322 7.78 -19.78 2.36
N SER B 323 8.16 -20.74 1.54
CA SER B 323 8.29 -20.55 0.11
C SER B 323 8.12 -21.87 -0.61
N MET B 324 7.78 -21.77 -1.89
CA MET B 324 7.60 -22.93 -2.76
C MET B 324 8.47 -22.74 -4.01
N PRO B 325 8.86 -23.86 -4.66
CA PRO B 325 9.73 -23.75 -5.85
C PRO B 325 9.02 -23.08 -7.01
N PHE B 326 9.76 -22.28 -7.75
CA PHE B 326 9.19 -21.47 -8.82
C PHE B 326 10.26 -21.43 -9.90
N GLY B 327 10.33 -22.50 -10.67
CA GLY B 327 11.43 -22.70 -11.60
C GLY B 327 12.73 -22.85 -10.84
N SER B 328 13.71 -22.02 -11.20
CA SER B 328 14.99 -21.93 -10.52
C SER B 328 14.98 -20.98 -9.31
N ASP B 329 13.86 -20.33 -9.03
CA ASP B 329 13.74 -19.37 -7.93
C ASP B 329 12.65 -19.91 -6.97
N ILE B 330 12.15 -19.05 -6.08
CA ILE B 330 11.06 -19.40 -5.19
C ILE B 330 9.97 -18.33 -5.23
N VAL B 331 8.77 -18.74 -4.83
CA VAL B 331 7.62 -17.87 -4.72
C VAL B 331 7.11 -17.97 -3.27
N VAL B 332 6.67 -16.83 -2.71
CA VAL B 332 6.08 -16.81 -1.37
C VAL B 332 4.56 -16.91 -1.56
N PRO B 333 3.95 -18.02 -1.11
CA PRO B 333 2.51 -18.18 -1.25
C PRO B 333 1.72 -17.40 -0.20
N ILE B 334 0.47 -17.11 -0.51
CA ILE B 334 -0.49 -16.65 0.48
C ILE B 334 -0.60 -17.69 1.60
N ARG B 335 -0.66 -17.19 2.84
CA ARG B 335 -0.59 -17.99 4.07
C ARG B 335 0.77 -18.70 4.33
N ALA B 336 1.86 -18.22 3.68
CA ALA B 336 3.21 -18.70 3.96
C ALA B 336 3.51 -18.67 5.45
N GLY B 337 4.01 -19.79 5.98
CA GLY B 337 4.33 -19.88 7.40
C GLY B 337 3.12 -19.95 8.33
N GLU B 338 1.92 -20.18 7.78
CA GLU B 338 0.68 -20.23 8.58
C GLU B 338 -0.07 -21.51 8.18
N ASN B 339 -1.28 -21.67 8.71
CA ASN B 339 -2.11 -22.84 8.45
C ASN B 339 -3.20 -22.54 7.44
N ILE B 340 -3.60 -23.56 6.68
CA ILE B 340 -4.80 -23.54 5.87
C ILE B 340 -5.73 -24.56 6.54
N GLU B 341 -7.02 -24.26 6.57
CA GLU B 341 -7.98 -25.01 7.42
C GLU B 341 -8.72 -26.17 6.75
N TRP B 342 -8.68 -26.24 5.42
CA TRP B 342 -9.29 -27.34 4.67
C TRP B 342 -8.26 -27.97 3.75
N THR B 343 -8.52 -29.22 3.35
CA THR B 343 -7.79 -29.88 2.27
C THR B 343 -8.80 -30.34 1.23
N VAL B 344 -8.40 -30.32 -0.03
CA VAL B 344 -9.25 -30.76 -1.13
C VAL B 344 -8.44 -31.73 -1.95
N LYS B 345 -9.09 -32.83 -2.29
CA LYS B 345 -8.51 -33.85 -3.14
C LYS B 345 -9.61 -34.33 -4.09
ZN ZN C . 5.52 9.23 14.41
ZN ZN D . 8.65 9.90 13.98
C ACT E . 18.47 2.06 17.37
O ACT E . 17.61 2.75 16.79
OXT ACT E . 18.32 1.68 18.56
CH3 ACT E . 19.72 1.67 16.64
C ACT F . -10.35 6.10 0.77
O ACT F . -10.18 5.17 -0.05
OXT ACT F . -9.42 6.46 1.53
CH3 ACT F . -11.68 6.77 0.85
C ACT G . 9.97 36.20 19.73
O ACT G . 10.43 36.22 18.57
OXT ACT G . 8.73 36.06 19.96
CH3 ACT G . 10.90 36.36 20.90
ZN ZN H . -6.52 -8.25 -14.08
ZN ZN I . -5.29 -11.30 -13.97
C ACT J . 11.37 -28.74 -10.53
O ACT J . 11.44 -28.06 -11.57
OXT ACT J . 11.68 -28.26 -9.41
CH3 ACT J . 10.93 -30.17 -10.61
CL CL K . -21.82 -24.06 6.46
#